data_7H8R
#
_entry.id   7H8R
#
_cell.length_a   87.613
_cell.length_b   87.613
_cell.length_c   85.695
_cell.angle_alpha   90.00
_cell.angle_beta   90.00
_cell.angle_gamma   120.00
#
_symmetry.space_group_name_H-M   'P 31'
#
loop_
_entity.id
_entity.type
_entity.pdbx_description
1 polymer 'Non-structural protein 3'
2 non-polymer 'DIMETHYL SULFOXIDE'
3 non-polymer 2-AMINO-2-HYDROXYMETHYL-PROPANE-1,3-DIOL
4 non-polymer 'CHLORIDE ION'
5 non-polymer 1,2-benzoxazol-3-amine
6 water water
#
_entity_poly.entity_id   1
_entity_poly.type   'polypeptide(L)'
_entity_poly.pdbx_seq_one_letter_code
;GAMAPSYRVKRMDIAKNDEECVVNAANPRGLPGDGVCKAVYKKWPESFKNSATPVGTAKTVMCGTYPVIHAVGPNFSNYT
ESEGDRELAAAYREVAKEVTRLGVNSVAIPLLSTGVYSGGKDRLTQSLNHLFTAMDSTDADVVIYCRDKEWEKKISEAIQ
MRT
;
_entity_poly.pdbx_strand_id   A,B,C,D
#
loop_
_chem_comp.id
_chem_comp.type
_chem_comp.name
_chem_comp.formula
CL non-polymer 'CHLORIDE ION' 'Cl -1'
DMS non-polymer 'DIMETHYL SULFOXIDE' 'C2 H6 O S'
HLR non-polymer 1,2-benzoxazol-3-amine 'C7 H6 N2 O'
TRS non-polymer 2-AMINO-2-HYDROXYMETHYL-PROPANE-1,3-DIOL 'C4 H12 N O3 1'
#
# COMPACT_ATOMS: atom_id res chain seq x y z
N GLY A 1 -13.31 -3.91 20.11
CA GLY A 1 -12.44 -3.57 21.30
C GLY A 1 -11.29 -4.56 21.47
N ALA A 2 -10.26 -4.20 22.22
CA ALA A 2 -9.17 -5.14 22.59
C ALA A 2 -9.66 -6.08 23.69
N MET A 3 -9.17 -7.32 23.78
CA MET A 3 -9.66 -8.31 24.78
C MET A 3 -9.39 -7.83 26.20
N ALA A 4 -8.26 -7.18 26.43
CA ALA A 4 -7.84 -6.63 27.75
C ALA A 4 -7.19 -5.27 27.49
N PRO A 5 -8.00 -4.21 27.23
CA PRO A 5 -7.43 -2.92 26.86
C PRO A 5 -6.24 -2.48 27.75
N SER A 6 -5.13 -2.05 27.13
CA SER A 6 -3.84 -1.77 27.80
C SER A 6 -3.30 -0.40 27.36
N TYR A 7 -2.33 0.12 28.11
CA TYR A 7 -1.44 1.23 27.71
C TYR A 7 -0.03 0.69 27.63
N ARG A 8 0.69 1.07 26.59
CA ARG A 8 2.11 0.74 26.42
C ARG A 8 2.83 2.00 25.94
N VAL A 9 4.15 2.00 26.05
CA VAL A 9 4.99 3.11 25.56
C VAL A 9 6.12 2.49 24.77
N LYS A 10 6.42 3.05 23.60
CA LYS A 10 7.60 2.67 22.81
C LYS A 10 8.41 3.89 22.41
N ARG A 11 9.73 3.73 22.37
CA ARG A 11 10.68 4.78 21.97
C ARG A 11 11.13 4.48 20.55
N MET A 12 10.40 5.05 19.58
CA MET A 12 10.66 4.84 18.15
C MET A 12 9.76 5.79 17.36
N ASP A 13 10.03 5.86 16.07
CA ASP A 13 9.26 6.64 15.08
C ASP A 13 7.83 6.11 14.98
N ILE A 14 6.85 6.96 15.27
CA ILE A 14 5.39 6.64 15.18
C ILE A 14 5.01 6.27 13.72
N ALA A 15 5.78 6.70 12.73
CA ALA A 15 5.59 6.30 11.32
C ALA A 15 5.87 4.81 11.08
N LYS A 16 6.49 4.07 12.01
CA LYS A 16 6.71 2.61 11.96
C LYS A 16 5.81 1.89 12.98
N ASN A 17 4.70 2.49 13.41
CA ASN A 17 3.82 1.86 14.42
C ASN A 17 3.24 0.54 13.90
N ASP A 18 2.79 -0.29 14.83
CA ASP A 18 2.13 -1.60 14.60
C ASP A 18 0.68 -1.54 15.09
N GLU A 19 0.03 -0.39 14.97
CA GLU A 19 -1.38 -0.24 15.41
C GLU A 19 -2.31 -0.02 14.20
N GLU A 20 -3.62 -0.05 14.46
CA GLU A 20 -4.64 -0.02 13.37
C GLU A 20 -4.93 1.42 12.90
N CYS A 21 -4.37 2.43 13.57
CA CYS A 21 -4.50 3.86 13.21
C CYS A 21 -3.50 4.68 14.02
N VAL A 22 -3.23 5.87 13.52
CA VAL A 22 -2.22 6.80 14.06
C VAL A 22 -2.84 8.15 14.34
N VAL A 23 -2.40 8.77 15.42
CA VAL A 23 -2.75 10.19 15.72
C VAL A 23 -1.55 11.04 15.34
N ASN A 24 -1.79 12.02 14.48
CA ASN A 24 -0.77 13.01 14.11
C ASN A 24 -0.83 14.18 15.09
N ALA A 25 0.32 14.64 15.55
CA ALA A 25 0.40 15.93 16.27
C ALA A 25 0.43 17.05 15.21
N ALA A 26 -0.74 17.38 14.69
CA ALA A 26 -0.95 18.26 13.53
C ALA A 26 -0.82 19.75 13.88
N ASN A 27 -0.64 20.55 12.83
CA ASN A 27 -0.88 22.02 12.90
C ASN A 27 -2.27 22.29 12.33
N PRO A 28 -2.85 23.45 12.68
CA PRO A 28 -4.22 23.76 12.29
C PRO A 28 -4.46 23.89 10.77
N ARG A 29 -3.40 24.06 10.00
CA ARG A 29 -3.48 24.38 8.55
C ARG A 29 -3.23 23.18 7.69
N GLY A 30 -3.03 22.01 8.27
CA GLY A 30 -2.78 20.80 7.46
C GLY A 30 -1.48 20.87 6.71
N LEU A 31 -0.48 21.61 7.22
CA LEU A 31 0.85 21.74 6.57
C LEU A 31 1.77 20.63 7.02
N PRO A 32 2.79 20.25 6.20
CA PRO A 32 3.76 19.22 6.58
C PRO A 32 4.42 19.38 7.95
N GLY A 33 4.77 20.60 8.38
CA GLY A 33 5.23 20.86 9.78
C GLY A 33 6.51 20.13 10.19
N ASP A 34 6.67 19.86 11.49
CA ASP A 34 7.92 19.31 12.13
C ASP A 34 7.64 18.07 12.99
N GLY A 35 8.71 17.38 13.38
CA GLY A 35 8.70 16.28 14.38
C GLY A 35 7.85 15.10 13.95
N VAL A 36 6.90 14.67 14.80
CA VAL A 36 5.89 13.62 14.46
C VAL A 36 5.21 14.00 13.13
N CYS A 37 4.80 15.26 12.96
CA CYS A 37 4.00 15.70 11.78
C CYS A 37 4.81 15.48 10.50
N LYS A 38 6.12 15.76 10.54
CA LYS A 38 7.04 15.60 9.39
C LYS A 38 7.09 14.13 8.97
N ALA A 39 7.23 13.21 9.92
CA ALA A 39 7.26 11.75 9.66
C ALA A 39 5.91 11.33 9.08
N VAL A 40 4.82 11.82 9.69
CA VAL A 40 3.44 11.46 9.28
C VAL A 40 3.23 11.92 7.83
N TYR A 41 3.70 13.12 7.48
CA TYR A 41 3.56 13.62 6.10
C TYR A 41 4.35 12.74 5.13
N LYS A 42 5.54 12.33 5.51
CA LYS A 42 6.38 11.46 4.62
C LYS A 42 5.75 10.06 4.44
N LYS A 43 5.08 9.54 5.47
CA LYS A 43 4.56 8.15 5.49
C LYS A 43 3.18 8.09 4.85
N TRP A 44 2.30 9.04 5.16
CA TRP A 44 0.88 9.07 4.76
C TRP A 44 0.51 10.41 4.11
N PRO A 45 1.20 10.90 3.05
CA PRO A 45 0.93 12.22 2.50
C PRO A 45 -0.50 12.42 2.00
N GLU A 46 -1.16 11.34 1.55
CA GLU A 46 -2.54 11.39 1.04
C GLU A 46 -3.49 11.84 2.16
N SER A 47 -3.11 11.62 3.43
CA SER A 47 -3.98 11.91 4.58
C SER A 47 -4.04 13.41 4.83
N PHE A 48 -3.25 14.20 4.12
CA PHE A 48 -3.24 15.66 4.34
C PHE A 48 -4.19 16.42 3.39
N LYS A 49 -4.96 15.71 2.57
CA LYS A 49 -6.09 16.28 1.78
C LYS A 49 -7.17 16.81 2.73
N ASN A 50 -7.34 18.14 2.80
CA ASN A 50 -8.39 18.77 3.65
C ASN A 50 -8.29 18.30 5.12
N SER A 51 -7.08 18.28 5.66
CA SER A 51 -6.81 17.90 7.07
C SER A 51 -6.83 19.13 8.00
N ALA A 52 -6.85 20.35 7.45
CA ALA A 52 -6.87 21.58 8.27
C ALA A 52 -8.09 21.57 9.22
N THR A 53 -7.87 21.89 10.49
CA THR A 53 -8.90 21.82 11.56
C THR A 53 -8.45 22.71 12.70
N PRO A 54 -9.35 23.29 13.50
CA PRO A 54 -8.93 24.25 14.51
C PRO A 54 -8.22 23.63 15.69
N VAL A 55 -7.66 24.50 16.53
CA VAL A 55 -6.98 24.04 17.78
C VAL A 55 -8.05 23.36 18.63
N GLY A 56 -7.67 22.28 19.33
CA GLY A 56 -8.58 21.59 20.26
C GLY A 56 -9.51 20.58 19.59
N THR A 57 -9.33 20.33 18.29
CA THR A 57 -10.14 19.37 17.51
C THR A 57 -9.27 18.31 16.87
N ALA A 58 -9.94 17.28 16.35
CA ALA A 58 -9.31 16.19 15.61
C ALA A 58 -10.12 15.94 14.37
N LYS A 59 -9.45 15.74 13.27
CA LYS A 59 -10.07 15.43 11.97
C LYS A 59 -9.37 14.21 11.38
N THR A 60 -10.13 13.16 11.02
CA THR A 60 -9.57 11.93 10.45
C THR A 60 -9.63 11.99 8.92
N VAL A 61 -8.53 11.65 8.28
CA VAL A 61 -8.45 11.43 6.81
C VAL A 61 -7.79 10.08 6.56
N MET A 62 -8.35 9.31 5.64
N MET A 62 -8.38 9.29 5.68
CA MET A 62 -7.88 7.96 5.29
CA MET A 62 -7.89 7.92 5.32
C MET A 62 -6.66 8.08 4.37
C MET A 62 -6.69 8.06 4.39
N CYS A 63 -5.67 7.23 4.60
CA CYS A 63 -4.59 6.97 3.62
C CYS A 63 -4.82 5.54 3.14
N GLY A 64 -5.46 5.37 1.99
CA GLY A 64 -5.98 4.04 1.63
C GLY A 64 -7.10 3.64 2.56
N THR A 65 -6.95 2.58 3.36
CA THR A 65 -7.90 2.25 4.43
C THR A 65 -7.31 2.52 5.81
N TYR A 66 -6.13 3.12 5.91
CA TYR A 66 -5.44 3.34 7.21
C TYR A 66 -5.79 4.72 7.73
N PRO A 67 -6.50 4.86 8.88
CA PRO A 67 -6.93 6.18 9.37
C PRO A 67 -5.81 7.00 10.03
N VAL A 68 -5.67 8.25 9.60
CA VAL A 68 -4.75 9.26 10.22
C VAL A 68 -5.64 10.26 10.94
N ILE A 69 -5.53 10.34 12.27
CA ILE A 69 -6.38 11.23 13.08
C ILE A 69 -5.52 12.49 13.36
N HIS A 70 -5.79 13.59 12.67
CA HIS A 70 -5.03 14.87 12.84
C HIS A 70 -5.53 15.60 14.06
N ALA A 71 -4.76 15.59 15.16
CA ALA A 71 -5.17 16.18 16.46
C ALA A 71 -4.32 17.46 16.69
N VAL A 72 -4.99 18.61 16.84
CA VAL A 72 -4.32 19.94 16.92
C VAL A 72 -4.26 20.44 18.37
N GLY A 73 -3.13 20.20 19.00
CA GLY A 73 -2.87 20.70 20.35
C GLY A 73 -2.51 22.19 20.27
N PRO A 74 -2.72 22.94 21.35
CA PRO A 74 -2.32 24.34 21.40
C PRO A 74 -0.80 24.54 21.40
N ASN A 75 -0.39 25.64 20.77
CA ASN A 75 1.01 26.15 20.88
C ASN A 75 1.07 27.07 22.11
N PHE A 76 1.69 26.60 23.18
CA PHE A 76 1.81 27.31 24.48
C PHE A 76 2.65 28.60 24.34
N SER A 77 3.30 28.85 23.20
CA SER A 77 3.87 30.21 22.92
C SER A 77 2.73 31.23 22.78
N ASN A 78 1.55 30.83 22.33
CA ASN A 78 0.49 31.79 21.96
C ASN A 78 -0.63 31.81 22.97
N TYR A 79 -0.90 30.68 23.60
CA TYR A 79 -2.00 30.52 24.60
C TYR A 79 -1.44 30.83 26.00
N THR A 80 -2.27 31.41 26.86
CA THR A 80 -2.09 31.39 28.33
C THR A 80 -2.04 29.94 28.83
N GLU A 81 -1.35 29.70 29.95
CA GLU A 81 -1.30 28.34 30.58
C GLU A 81 -2.71 27.78 30.75
N SER A 82 -3.65 28.61 31.17
CA SER A 82 -5.06 28.25 31.46
C SER A 82 -5.79 27.84 30.17
N GLU A 83 -5.76 28.68 29.14
CA GLU A 83 -6.51 28.42 27.89
C GLU A 83 -5.86 27.23 27.17
N GLY A 84 -4.54 27.19 27.19
CA GLY A 84 -3.72 26.12 26.60
C GLY A 84 -4.12 24.79 27.23
N ASP A 85 -4.23 24.77 28.55
CA ASP A 85 -4.60 23.54 29.28
C ASP A 85 -5.98 23.05 28.83
N ARG A 86 -6.98 23.94 28.70
CA ARG A 86 -8.34 23.62 28.22
C ARG A 86 -8.28 23.04 26.79
N GLU A 87 -7.52 23.65 25.89
CA GLU A 87 -7.50 23.22 24.46
C GLU A 87 -6.79 21.86 24.39
N LEU A 88 -5.75 21.63 25.19
CA LEU A 88 -4.98 20.37 25.14
C LEU A 88 -5.87 19.22 25.62
N ALA A 89 -6.59 19.42 26.72
CA ALA A 89 -7.62 18.47 27.18
C ALA A 89 -8.64 18.21 26.07
N ALA A 90 -9.15 19.26 25.42
CA ALA A 90 -10.18 19.10 24.38
C ALA A 90 -9.66 18.26 23.20
N ALA A 91 -8.45 18.55 22.71
CA ALA A 91 -7.87 17.80 21.58
C ALA A 91 -7.94 16.29 21.87
N TYR A 92 -7.50 15.90 23.05
CA TYR A 92 -7.53 14.46 23.41
C TYR A 92 -8.96 13.92 23.49
N ARG A 93 -9.94 14.68 24.01
CA ARG A 93 -11.35 14.20 24.02
C ARG A 93 -11.79 13.93 22.57
N GLU A 94 -11.40 14.79 21.60
CA GLU A 94 -11.83 14.61 20.18
C GLU A 94 -11.11 13.37 19.64
N VAL A 95 -9.86 13.08 20.05
CA VAL A 95 -9.17 11.85 19.59
C VAL A 95 -9.98 10.64 20.08
N ALA A 96 -10.38 10.62 21.34
CA ALA A 96 -11.14 9.47 21.91
C ALA A 96 -12.44 9.25 21.12
N LYS A 97 -13.15 10.31 20.71
CA LYS A 97 -14.37 10.20 19.87
C LYS A 97 -14.02 9.56 18.53
N GLU A 98 -12.95 10.00 17.87
CA GLU A 98 -12.57 9.46 16.54
C GLU A 98 -12.19 7.99 16.66
N VAL A 99 -11.38 7.64 17.64
CA VAL A 99 -10.92 6.24 17.85
C VAL A 99 -12.16 5.35 18.04
N THR A 100 -13.13 5.81 18.82
CA THR A 100 -14.37 5.04 19.06
C THR A 100 -15.17 4.91 17.76
N ARG A 101 -15.36 6.01 17.05
CA ARG A 101 -16.14 6.04 15.78
C ARG A 101 -15.54 5.05 14.76
N LEU A 102 -14.21 4.98 14.65
CA LEU A 102 -13.51 4.18 13.65
C LEU A 102 -13.64 2.68 13.97
N GLY A 103 -13.87 2.32 15.23
CA GLY A 103 -14.01 0.92 15.67
C GLY A 103 -12.69 0.16 15.63
N VAL A 104 -11.55 0.87 15.69
CA VAL A 104 -10.23 0.22 15.74
C VAL A 104 -10.00 -0.49 17.09
N ASN A 105 -9.14 -1.50 17.09
CA ASN A 105 -8.76 -2.17 18.35
C ASN A 105 -7.43 -1.62 18.90
N SER A 106 -6.76 -0.74 18.19
CA SER A 106 -5.47 -0.17 18.67
C SER A 106 -5.23 1.18 17.99
N VAL A 107 -4.43 2.01 18.62
CA VAL A 107 -4.12 3.40 18.17
C VAL A 107 -2.73 3.74 18.66
N ALA A 108 -1.88 4.27 17.79
CA ALA A 108 -0.56 4.89 18.09
C ALA A 108 -0.77 6.38 18.34
N ILE A 109 -0.26 6.91 19.46
N ILE A 109 -0.36 6.90 19.51
CA ILE A 109 -0.54 8.32 19.88
CA ILE A 109 -0.55 8.32 19.91
C ILE A 109 0.74 8.96 20.43
C ILE A 109 0.78 8.92 20.34
N PRO A 110 1.08 10.18 19.95
CA PRO A 110 2.18 10.96 20.53
C PRO A 110 1.67 11.82 21.69
N LEU A 111 2.55 12.37 22.52
CA LEU A 111 2.10 13.34 23.55
C LEU A 111 1.99 14.74 22.93
N LEU A 112 0.75 15.21 22.79
CA LEU A 112 0.43 16.48 22.12
C LEU A 112 1.03 17.64 22.94
N SER A 113 1.49 18.65 22.21
CA SER A 113 1.99 19.93 22.78
C SER A 113 3.25 19.78 23.68
N THR A 114 4.06 18.73 23.50
CA THR A 114 5.27 18.48 24.31
C THR A 114 6.55 18.88 23.57
N GLY A 115 6.46 19.14 22.25
CA GLY A 115 7.64 19.43 21.39
C GLY A 115 7.72 20.92 21.11
N VAL A 116 7.66 21.30 19.83
CA VAL A 116 7.76 22.73 19.41
C VAL A 116 6.53 23.54 19.87
N TYR A 117 5.44 22.91 20.33
CA TYR A 117 4.27 23.64 20.86
C TYR A 117 4.31 23.75 22.39
N SER A 118 5.41 23.32 23.03
CA SER A 118 5.47 23.25 24.52
C SER A 118 5.68 24.64 25.15
N GLY A 119 6.00 25.65 24.34
CA GLY A 119 6.36 26.98 24.89
C GLY A 119 7.59 26.88 25.81
N GLY A 120 8.49 25.95 25.52
CA GLY A 120 9.77 25.74 26.24
C GLY A 120 9.62 25.11 27.61
N LYS A 121 8.51 24.43 27.91
CA LYS A 121 8.29 23.80 29.25
C LYS A 121 8.13 22.29 29.08
N ASP A 122 8.51 21.54 30.11
CA ASP A 122 8.32 20.07 30.23
C ASP A 122 6.84 19.86 30.53
N ARG A 123 6.09 19.28 29.60
CA ARG A 123 4.63 19.04 29.74
C ARG A 123 4.34 17.54 29.64
N LEU A 124 5.31 16.66 29.95
CA LEU A 124 5.09 15.19 29.92
C LEU A 124 3.86 14.86 30.78
N THR A 125 3.84 15.23 32.07
CA THR A 125 2.77 14.86 33.02
C THR A 125 1.45 15.49 32.59
N GLN A 126 1.47 16.77 32.22
CA GLN A 126 0.23 17.52 31.88
C GLN A 126 -0.41 16.80 30.66
N SER A 127 0.40 16.56 29.64
CA SER A 127 -0.10 16.01 28.34
C SER A 127 -0.56 14.55 28.55
N LEU A 128 0.27 13.74 29.23
CA LEU A 128 -0.08 12.32 29.52
C LEU A 128 -1.37 12.22 30.34
N ASN A 129 -1.59 13.08 31.34
CA ASN A 129 -2.77 12.98 32.21
C ASN A 129 -4.01 13.33 31.37
N HIS A 130 -3.90 14.30 30.45
CA HIS A 130 -5.05 14.59 29.56
C HIS A 130 -5.31 13.41 28.60
N LEU A 131 -4.27 12.74 28.15
CA LEU A 131 -4.37 11.55 27.30
C LEU A 131 -5.17 10.50 28.10
N PHE A 132 -4.74 10.19 29.32
CA PHE A 132 -5.46 9.21 30.18
C PHE A 132 -6.92 9.63 30.40
N THR A 133 -7.19 10.90 30.75
CA THR A 133 -8.59 11.35 31.01
C THR A 133 -9.49 10.98 29.83
N ALA A 134 -9.00 11.20 28.61
CA ALA A 134 -9.76 10.99 27.37
C ALA A 134 -9.88 9.50 27.06
N MET A 135 -8.77 8.77 27.14
CA MET A 135 -8.70 7.43 26.54
C MET A 135 -9.15 6.36 27.56
N ASP A 136 -9.25 6.68 28.84
CA ASP A 136 -9.51 5.61 29.85
C ASP A 136 -10.86 4.91 29.58
N SER A 137 -11.85 5.62 29.05
CA SER A 137 -13.20 5.06 28.77
C SER A 137 -13.27 4.37 27.40
N THR A 138 -12.18 4.37 26.61
CA THR A 138 -12.15 3.63 25.33
C THR A 138 -11.60 2.22 25.57
N ASP A 139 -11.91 1.29 24.67
CA ASP A 139 -11.41 -0.11 24.82
C ASP A 139 -10.34 -0.42 23.74
N ALA A 140 -9.78 0.59 23.08
CA ALA A 140 -8.59 0.35 22.21
C ALA A 140 -7.29 0.17 23.01
N ASP A 141 -6.41 -0.72 22.55
CA ASP A 141 -5.00 -0.77 23.00
C ASP A 141 -4.34 0.54 22.59
N VAL A 142 -3.80 1.28 23.55
CA VAL A 142 -3.12 2.58 23.28
C VAL A 142 -1.62 2.34 23.37
N VAL A 143 -0.91 2.75 22.35
CA VAL A 143 0.56 2.68 22.33
C VAL A 143 1.10 4.10 22.13
N ILE A 144 1.73 4.61 23.17
CA ILE A 144 2.30 5.98 23.20
C ILE A 144 3.69 5.91 22.61
N TYR A 145 4.01 6.80 21.67
CA TYR A 145 5.34 6.87 21.01
C TYR A 145 6.08 8.10 21.55
N CYS A 146 7.37 7.96 21.89
CA CYS A 146 8.27 9.04 22.33
C CYS A 146 9.64 8.81 21.67
N ARG A 147 10.56 9.75 21.89
N ARG A 147 10.52 9.81 21.84
CA ARG A 147 11.90 9.79 21.24
CA ARG A 147 11.88 9.93 21.24
C ARG A 147 13.00 9.71 22.32
C ARG A 147 12.95 9.71 22.31
N ASP A 148 12.73 10.30 23.48
CA ASP A 148 13.76 10.51 24.54
C ASP A 148 13.75 9.31 25.49
N LYS A 149 14.93 8.80 25.88
CA LYS A 149 15.06 7.66 26.82
C LYS A 149 14.50 7.97 28.21
N GLU A 150 14.73 9.17 28.73
CA GLU A 150 14.22 9.53 30.07
C GLU A 150 12.68 9.70 30.02
N TRP A 151 12.13 10.21 28.93
CA TRP A 151 10.64 10.27 28.75
C TRP A 151 10.05 8.85 28.73
N GLU A 152 10.67 7.89 28.08
CA GLU A 152 10.18 6.48 27.98
C GLU A 152 10.05 5.93 29.41
N LYS A 153 11.07 6.15 30.24
CA LYS A 153 11.08 5.64 31.64
C LYS A 153 9.91 6.30 32.40
N LYS A 154 9.74 7.61 32.31
CA LYS A 154 8.71 8.34 33.07
C LYS A 154 7.31 7.97 32.62
N ILE A 155 7.12 7.83 31.31
CA ILE A 155 5.81 7.37 30.78
C ILE A 155 5.53 5.93 31.26
N SER A 156 6.52 5.06 31.18
CA SER A 156 6.35 3.65 31.59
C SER A 156 5.97 3.62 33.07
N GLU A 157 6.63 4.44 33.89
CA GLU A 157 6.38 4.50 35.35
C GLU A 157 4.94 4.95 35.60
N ALA A 158 4.48 6.00 34.90
CA ALA A 158 3.11 6.54 35.07
C ALA A 158 2.09 5.47 34.71
N ILE A 159 2.33 4.71 33.64
CA ILE A 159 1.39 3.65 33.24
C ILE A 159 1.38 2.58 34.35
N GLN A 160 2.57 2.15 34.77
CA GLN A 160 2.75 1.03 35.75
C GLN A 160 2.11 1.41 37.09
N MET A 161 2.20 2.68 37.49
CA MET A 161 1.67 3.22 38.78
C MET A 161 0.19 2.90 38.98
N ARG A 162 -0.61 2.96 37.91
CA ARG A 162 -2.10 2.84 38.00
C ARG A 162 -2.54 1.39 37.76
N THR A 163 -1.61 0.45 37.55
CA THR A 163 -1.87 -0.99 37.25
C THR A 163 -1.85 -1.83 38.54
N GLY B 1 9.93 -28.77 16.70
CA GLY B 1 10.72 -28.94 15.42
C GLY B 1 9.82 -28.97 14.20
N ALA B 2 10.42 -28.75 13.02
CA ALA B 2 9.77 -28.97 11.72
C ALA B 2 9.54 -30.48 11.56
N MET B 3 8.46 -30.90 10.90
CA MET B 3 8.13 -32.35 10.76
C MET B 3 9.27 -33.08 10.03
N ALA B 4 9.89 -32.41 9.06
CA ALA B 4 11.06 -32.93 8.31
C ALA B 4 12.07 -31.79 8.15
N PRO B 5 12.91 -31.53 9.18
CA PRO B 5 13.82 -30.39 9.15
C PRO B 5 14.56 -30.25 7.80
N SER B 6 14.52 -29.07 7.19
CA SER B 6 15.11 -28.78 5.86
C SER B 6 15.95 -27.50 5.92
N TYR B 7 16.76 -27.31 4.89
CA TYR B 7 17.34 -26.01 4.48
C TYR B 7 16.73 -25.58 3.13
N ARG B 8 16.35 -24.29 3.05
CA ARG B 8 15.84 -23.65 1.82
C ARG B 8 16.54 -22.29 1.65
N VAL B 9 16.70 -21.84 0.40
CA VAL B 9 17.26 -20.49 0.08
C VAL B 9 16.18 -19.69 -0.65
N LYS B 10 16.08 -18.39 -0.33
CA LYS B 10 15.17 -17.43 -0.99
C LYS B 10 15.97 -16.14 -1.29
N ARG B 11 15.85 -15.61 -2.49
CA ARG B 11 16.51 -14.34 -2.90
C ARG B 11 15.50 -13.19 -2.74
N MET B 12 15.42 -12.56 -1.56
CA MET B 12 14.47 -11.47 -1.21
C MET B 12 14.89 -10.83 0.13
N ASP B 13 14.30 -9.69 0.45
CA ASP B 13 14.47 -8.90 1.69
C ASP B 13 14.03 -9.79 2.86
N ILE B 14 14.97 -10.10 3.73
CA ILE B 14 14.72 -10.91 4.93
C ILE B 14 13.71 -10.21 5.87
N ALA B 15 13.44 -8.90 5.73
CA ALA B 15 12.43 -8.20 6.58
C ALA B 15 11.00 -8.66 6.21
N LYS B 16 10.82 -9.35 5.10
CA LYS B 16 9.52 -9.89 4.62
C LYS B 16 9.47 -11.42 4.79
N ASN B 17 10.32 -12.01 5.64
CA ASN B 17 10.37 -13.49 5.80
C ASN B 17 9.04 -13.98 6.40
N ASP B 18 8.65 -15.22 6.03
CA ASP B 18 7.43 -15.94 6.52
C ASP B 18 7.84 -16.87 7.70
N GLU B 19 9.02 -16.72 8.30
CA GLU B 19 9.51 -17.67 9.34
C GLU B 19 9.20 -17.17 10.73
N GLU B 20 9.40 -18.02 11.73
CA GLU B 20 8.96 -17.75 13.11
C GLU B 20 9.97 -16.88 13.85
N CYS B 21 11.14 -16.61 13.25
CA CYS B 21 12.11 -15.65 13.81
C CYS B 21 13.14 -15.27 12.75
N VAL B 22 13.91 -14.22 13.01
CA VAL B 22 14.90 -13.67 12.05
C VAL B 22 16.25 -13.52 12.77
N VAL B 23 17.29 -13.79 11.98
CA VAL B 23 18.69 -13.49 12.41
C VAL B 23 19.10 -12.20 11.69
N ASN B 24 19.46 -11.20 12.46
CA ASN B 24 20.03 -9.92 12.00
C ASN B 24 21.56 -10.11 11.87
N ALA B 25 22.15 -9.69 10.77
CA ALA B 25 23.62 -9.60 10.65
C ALA B 25 24.01 -8.27 11.31
N ALA B 26 24.14 -8.29 12.62
CA ALA B 26 24.25 -7.13 13.52
C ALA B 26 25.68 -6.56 13.56
N ASN B 27 25.75 -5.29 13.98
CA ASN B 27 27.03 -4.73 14.48
C ASN B 27 27.04 -4.82 15.99
N PRO B 28 28.21 -4.74 16.65
CA PRO B 28 28.31 -4.93 18.10
C PRO B 28 27.64 -3.86 18.97
N ARG B 29 27.30 -2.72 18.40
CA ARG B 29 26.89 -1.55 19.22
C ARG B 29 25.38 -1.39 19.14
N GLY B 30 24.71 -2.25 18.38
CA GLY B 30 23.26 -2.18 18.12
C GLY B 30 22.87 -0.94 17.31
N LEU B 31 23.68 -0.55 16.33
CA LEU B 31 23.39 0.59 15.42
C LEU B 31 22.69 0.08 14.19
N PRO B 32 21.98 0.96 13.44
CA PRO B 32 21.31 0.59 12.19
C PRO B 32 22.06 -0.10 11.02
N GLY B 33 23.27 0.31 10.69
CA GLY B 33 24.19 -0.49 9.82
C GLY B 33 23.74 -0.56 8.36
N ASP B 34 24.21 -1.54 7.60
CA ASP B 34 23.96 -1.67 6.15
C ASP B 34 23.31 -3.01 5.80
N GLY B 35 22.93 -3.17 4.52
CA GLY B 35 22.39 -4.42 3.97
C GLY B 35 21.28 -4.97 4.85
N VAL B 36 21.40 -6.24 5.27
CA VAL B 36 20.40 -6.92 6.14
C VAL B 36 20.06 -6.06 7.36
N CYS B 37 21.07 -5.54 8.07
CA CYS B 37 20.85 -4.81 9.32
C CYS B 37 19.94 -3.60 9.04
N LYS B 38 20.19 -2.90 7.94
CA LYS B 38 19.37 -1.71 7.60
C LYS B 38 17.92 -2.21 7.37
N ALA B 39 17.76 -3.28 6.61
CA ALA B 39 16.45 -3.88 6.29
C ALA B 39 15.73 -4.24 7.58
N VAL B 40 16.46 -4.75 8.57
CA VAL B 40 15.93 -5.15 9.90
C VAL B 40 15.62 -3.94 10.77
N TYR B 41 16.43 -2.88 10.79
CA TYR B 41 16.19 -1.68 11.63
C TYR B 41 14.92 -0.94 11.17
N LYS B 42 14.64 -1.00 9.87
CA LYS B 42 13.45 -0.35 9.24
C LYS B 42 12.18 -0.86 9.93
N LYS B 43 12.14 -2.15 10.30
CA LYS B 43 10.88 -2.80 10.77
C LYS B 43 10.83 -3.00 12.28
N TRP B 44 11.98 -3.37 12.86
CA TRP B 44 12.09 -3.93 14.23
C TRP B 44 12.94 -3.02 15.12
N PRO B 45 12.81 -1.68 15.03
CA PRO B 45 13.70 -0.77 15.76
C PRO B 45 13.69 -0.96 17.27
N GLU B 46 12.54 -1.28 17.88
CA GLU B 46 12.50 -1.52 19.36
C GLU B 46 13.27 -2.81 19.66
N SER B 47 13.52 -3.66 18.66
CA SER B 47 14.43 -4.83 18.76
C SER B 47 15.87 -4.35 19.00
N PHE B 48 16.23 -3.15 18.53
CA PHE B 48 17.58 -2.60 18.77
C PHE B 48 17.71 -2.06 20.19
N LYS B 49 16.63 -2.03 20.99
CA LYS B 49 16.76 -1.65 22.40
C LYS B 49 17.67 -2.65 23.11
N ASN B 50 18.80 -2.18 23.64
CA ASN B 50 19.79 -3.01 24.37
C ASN B 50 20.11 -4.26 23.51
N SER B 51 20.41 -4.07 22.23
CA SER B 51 20.81 -5.17 21.31
C SER B 51 22.34 -5.31 21.26
N ALA B 52 23.09 -4.32 21.75
CA ALA B 52 24.58 -4.34 21.72
C ALA B 52 25.13 -5.61 22.39
N THR B 53 26.08 -6.28 21.74
CA THR B 53 26.68 -7.56 22.22
C THR B 53 28.00 -7.76 21.48
N PRO B 54 28.98 -8.46 22.08
CA PRO B 54 30.29 -8.64 21.46
C PRO B 54 30.30 -9.45 20.16
N VAL B 55 31.37 -9.26 19.39
CA VAL B 55 31.64 -10.11 18.20
C VAL B 55 31.63 -11.57 18.66
N GLY B 56 31.09 -12.46 17.83
CA GLY B 56 31.07 -13.89 18.13
C GLY B 56 29.90 -14.31 18.97
N THR B 57 28.97 -13.41 19.26
CA THR B 57 27.78 -13.67 20.12
C THR B 57 26.48 -13.30 19.42
N ALA B 58 25.40 -13.77 20.01
CA ALA B 58 24.04 -13.50 19.52
C ALA B 58 23.22 -13.07 20.73
N LYS B 59 22.38 -12.05 20.55
CA LYS B 59 21.47 -11.48 21.59
C LYS B 59 20.08 -11.37 20.98
N THR B 60 19.07 -11.98 21.62
CA THR B 60 17.68 -11.96 21.10
C THR B 60 16.93 -10.85 21.82
N VAL B 61 16.24 -10.03 21.05
CA VAL B 61 15.34 -9.00 21.63
C VAL B 61 13.97 -9.28 21.04
N MET B 62 13.05 -9.49 21.98
CA MET B 62 11.64 -9.83 21.70
C MET B 62 10.94 -8.53 21.38
N CYS B 63 10.27 -8.50 20.24
CA CYS B 63 9.27 -7.48 19.86
C CYS B 63 7.88 -8.12 19.94
N GLY B 64 7.28 -8.09 21.14
CA GLY B 64 6.03 -8.80 21.43
C GLY B 64 6.36 -10.28 21.53
N THR B 65 5.97 -11.04 20.52
CA THR B 65 6.26 -12.49 20.44
C THR B 65 7.31 -12.79 19.37
N TYR B 66 7.55 -11.87 18.41
CA TYR B 66 8.52 -12.07 17.30
C TYR B 66 9.96 -11.91 17.81
N PRO B 67 10.81 -12.97 17.77
CA PRO B 67 12.22 -12.85 18.17
C PRO B 67 13.15 -12.41 17.02
N VAL B 68 13.94 -11.38 17.31
CA VAL B 68 15.05 -10.91 16.43
C VAL B 68 16.35 -11.31 17.12
N ILE B 69 17.10 -12.17 16.46
CA ILE B 69 18.38 -12.71 16.99
C ILE B 69 19.54 -11.89 16.38
N HIS B 70 20.11 -11.00 17.16
CA HIS B 70 21.21 -10.13 16.66
C HIS B 70 22.52 -10.92 16.76
N ALA B 71 23.00 -11.41 15.62
CA ALA B 71 24.25 -12.21 15.55
C ALA B 71 25.39 -11.34 15.01
N VAL B 72 26.48 -11.26 15.76
CA VAL B 72 27.58 -10.30 15.42
C VAL B 72 28.75 -11.10 14.84
N GLY B 73 28.81 -11.16 13.53
CA GLY B 73 29.96 -11.70 12.79
C GLY B 73 31.11 -10.72 12.78
N PRO B 74 32.34 -11.22 12.59
CA PRO B 74 33.52 -10.35 12.67
C PRO B 74 33.60 -9.51 11.39
N ASN B 75 34.23 -8.33 11.54
CA ASN B 75 34.60 -7.49 10.36
C ASN B 75 36.01 -7.90 9.94
N PHE B 76 36.13 -8.58 8.81
CA PHE B 76 37.45 -9.06 8.31
C PHE B 76 38.34 -7.89 7.87
N SER B 77 37.87 -6.65 7.80
CA SER B 77 38.79 -5.47 7.71
C SER B 77 39.61 -5.35 9.00
N ASN B 78 39.11 -5.82 10.15
CA ASN B 78 39.73 -5.61 11.48
C ASN B 78 40.37 -6.90 12.02
N TYR B 79 39.77 -8.07 11.75
CA TYR B 79 40.24 -9.39 12.27
C TYR B 79 41.19 -10.01 11.23
N THR B 80 42.18 -10.77 11.69
CA THR B 80 42.95 -11.65 10.80
C THR B 80 42.04 -12.75 10.25
N GLU B 81 42.47 -13.41 9.19
CA GLU B 81 41.75 -14.59 8.64
C GLU B 81 41.58 -15.62 9.76
N SER B 82 42.63 -15.87 10.54
CA SER B 82 42.56 -16.91 11.61
C SER B 82 41.55 -16.51 12.68
N GLU B 83 41.67 -15.31 13.22
CA GLU B 83 40.81 -14.91 14.37
C GLU B 83 39.36 -14.68 13.90
N GLY B 84 39.19 -14.14 12.70
CA GLY B 84 37.87 -13.94 12.09
C GLY B 84 37.17 -15.28 11.90
N ASP B 85 37.88 -16.28 11.42
CA ASP B 85 37.27 -17.62 11.15
C ASP B 85 36.67 -18.17 12.46
N ARG B 86 37.37 -18.01 13.58
CA ARG B 86 36.93 -18.52 14.90
C ARG B 86 35.68 -17.74 15.35
N GLU B 87 35.69 -16.41 15.21
CA GLU B 87 34.54 -15.57 15.64
C GLU B 87 33.32 -15.85 14.76
N LEU B 88 33.52 -16.08 13.47
CA LEU B 88 32.40 -16.34 12.55
C LEU B 88 31.73 -17.68 12.93
N ALA B 89 32.51 -18.73 13.19
CA ALA B 89 32.01 -20.01 13.69
C ALA B 89 31.23 -19.80 14.98
N ALA B 90 31.76 -18.99 15.91
CA ALA B 90 31.19 -18.74 17.23
C ALA B 90 29.83 -18.07 17.09
N ALA B 91 29.72 -17.05 16.25
CA ALA B 91 28.45 -16.31 16.08
C ALA B 91 27.39 -17.33 15.67
N TYR B 92 27.69 -18.20 14.71
CA TYR B 92 26.67 -19.16 14.27
C TYR B 92 26.35 -20.16 15.39
N ARG B 93 27.33 -20.61 16.18
CA ARG B 93 27.04 -21.53 17.30
C ARG B 93 26.04 -20.87 18.27
N GLU B 94 26.19 -19.57 18.54
N GLU B 94 26.18 -19.57 18.53
CA GLU B 94 25.26 -18.83 19.45
CA GLU B 94 25.27 -18.85 19.46
C GLU B 94 23.87 -18.74 18.81
C GLU B 94 23.88 -18.69 18.81
N VAL B 95 23.80 -18.55 17.49
CA VAL B 95 22.49 -18.55 16.78
C VAL B 95 21.79 -19.91 17.00
N ALA B 96 22.49 -21.03 16.81
CA ALA B 96 21.92 -22.38 17.04
C ALA B 96 21.35 -22.52 18.47
N LYS B 97 22.09 -22.08 19.50
CA LYS B 97 21.64 -22.12 20.90
C LYS B 97 20.39 -21.27 21.08
N GLU B 98 20.35 -20.08 20.46
CA GLU B 98 19.16 -19.20 20.61
C GLU B 98 17.94 -19.82 19.93
N VAL B 99 18.08 -20.31 18.69
CA VAL B 99 16.98 -20.92 17.92
C VAL B 99 16.43 -22.08 18.74
N THR B 100 17.30 -22.84 19.38
CA THR B 100 16.89 -24.01 20.21
C THR B 100 16.13 -23.48 21.44
N ARG B 101 16.69 -22.52 22.14
CA ARG B 101 16.07 -21.95 23.39
C ARG B 101 14.66 -21.44 23.09
N LEU B 102 14.47 -20.81 21.96
CA LEU B 102 13.21 -20.11 21.62
C LEU B 102 12.13 -21.13 21.27
N GLY B 103 12.51 -22.33 20.83
CA GLY B 103 11.53 -23.38 20.48
C GLY B 103 10.81 -23.12 19.17
N VAL B 104 11.34 -22.25 18.32
CA VAL B 104 10.73 -22.02 16.98
C VAL B 104 10.89 -23.28 16.12
N ASN B 105 10.04 -23.39 15.10
CA ASN B 105 10.05 -24.45 14.09
C ASN B 105 10.68 -23.94 12.80
N SER B 106 10.97 -22.64 12.71
CA SER B 106 11.57 -22.03 11.51
C SER B 106 12.36 -20.77 11.90
N VAL B 107 13.34 -20.44 11.04
CA VAL B 107 14.27 -19.28 11.23
C VAL B 107 14.76 -18.84 9.85
N ALA B 108 14.74 -17.52 9.62
CA ALA B 108 15.31 -16.82 8.46
C ALA B 108 16.70 -16.34 8.85
N ILE B 109 17.71 -16.68 8.06
N ILE B 109 17.71 -16.72 8.05
CA ILE B 109 19.13 -16.40 8.42
CA ILE B 109 19.16 -16.51 8.34
C ILE B 109 19.88 -15.93 7.17
C ILE B 109 19.84 -15.90 7.12
N PRO B 110 20.66 -14.84 7.29
CA PRO B 110 21.54 -14.37 6.21
C PRO B 110 22.93 -14.99 6.39
N LEU B 111 23.80 -14.86 5.40
CA LEU B 111 25.23 -15.28 5.48
C LEU B 111 26.06 -14.17 6.18
N LEU B 112 26.41 -14.42 7.42
CA LEU B 112 27.18 -13.47 8.24
C LEU B 112 28.57 -13.22 7.59
N SER B 113 29.01 -11.98 7.73
CA SER B 113 30.34 -11.48 7.31
C SER B 113 30.54 -11.57 5.79
N THR B 114 29.48 -11.55 4.97
CA THR B 114 29.63 -11.68 3.49
C THR B 114 29.41 -10.33 2.79
N GLY B 115 28.97 -9.29 3.49
CA GLY B 115 28.72 -7.95 2.89
C GLY B 115 29.81 -6.97 3.27
N VAL B 116 29.47 -5.87 3.94
CA VAL B 116 30.46 -4.83 4.33
C VAL B 116 31.46 -5.36 5.36
N TYR B 117 31.23 -6.50 6.01
CA TYR B 117 32.23 -7.10 6.92
C TYR B 117 33.15 -8.14 6.21
N SER B 118 33.03 -8.37 4.90
CA SER B 118 33.82 -9.39 4.15
C SER B 118 35.31 -9.03 3.96
N GLY B 119 35.72 -7.77 4.21
CA GLY B 119 37.08 -7.31 3.92
C GLY B 119 37.39 -7.44 2.44
N GLY B 120 36.38 -7.32 1.59
CA GLY B 120 36.50 -7.39 0.12
C GLY B 120 36.75 -8.76 -0.49
N LYS B 121 36.49 -9.85 0.26
CA LYS B 121 36.69 -11.25 -0.22
C LYS B 121 35.32 -11.93 -0.39
N ASP B 122 35.23 -12.89 -1.33
CA ASP B 122 34.02 -13.73 -1.54
C ASP B 122 33.99 -14.79 -0.42
N ARG B 123 33.04 -14.70 0.51
CA ARG B 123 33.02 -15.59 1.72
C ARG B 123 31.77 -16.49 1.72
N LEU B 124 31.16 -16.72 0.57
CA LEU B 124 29.88 -17.49 0.53
C LEU B 124 30.14 -18.87 1.15
N THR B 125 31.15 -19.58 0.63
CA THR B 125 31.47 -20.97 1.03
C THR B 125 31.85 -21.00 2.53
N GLN B 126 32.72 -20.11 2.95
CA GLN B 126 33.19 -20.02 4.35
C GLN B 126 31.99 -19.82 5.28
N SER B 127 31.17 -18.83 4.99
CA SER B 127 30.03 -18.45 5.85
C SER B 127 29.01 -19.59 5.84
N LEU B 128 28.68 -20.13 4.67
CA LEU B 128 27.68 -21.22 4.60
C LEU B 128 28.17 -22.47 5.35
N ASN B 129 29.45 -22.78 5.29
CA ASN B 129 30.05 -23.94 6.00
C ASN B 129 29.85 -23.76 7.51
N HIS B 130 30.11 -22.56 8.07
CA HIS B 130 29.94 -22.31 9.53
C HIS B 130 28.43 -22.36 9.87
N LEU B 131 27.57 -21.92 8.97
CA LEU B 131 26.10 -21.94 9.18
C LEU B 131 25.65 -23.41 9.31
N PHE B 132 26.02 -24.27 8.37
CA PHE B 132 25.71 -25.72 8.43
C PHE B 132 26.31 -26.33 9.70
N THR B 133 27.59 -26.09 10.02
CA THR B 133 28.24 -26.70 11.20
C THR B 133 27.37 -26.47 12.45
N ALA B 134 26.83 -25.26 12.59
CA ALA B 134 26.05 -24.86 13.76
C ALA B 134 24.63 -25.40 13.64
N MET B 135 24.00 -25.27 12.48
CA MET B 135 22.53 -25.42 12.40
C MET B 135 22.19 -26.89 12.15
N ASP B 136 23.15 -27.72 11.73
CA ASP B 136 22.87 -29.12 11.29
C ASP B 136 22.17 -29.89 12.42
N SER B 137 22.55 -29.65 13.68
CA SER B 137 22.04 -30.41 14.85
C SER B 137 20.73 -29.83 15.38
N THR B 138 20.21 -28.73 14.82
CA THR B 138 18.91 -28.15 15.22
C THR B 138 17.82 -28.77 14.35
N ASP B 139 16.55 -28.71 14.80
CA ASP B 139 15.43 -29.29 14.02
C ASP B 139 14.55 -28.20 13.42
N ALA B 140 14.94 -26.93 13.46
CA ALA B 140 14.15 -25.85 12.82
C ALA B 140 14.31 -25.90 11.30
N ASP B 141 13.24 -25.54 10.58
CA ASP B 141 13.33 -25.25 9.13
C ASP B 141 14.18 -23.99 9.01
N VAL B 142 15.30 -24.08 8.30
CA VAL B 142 16.20 -22.92 8.04
C VAL B 142 15.98 -22.43 6.62
N VAL B 143 15.68 -21.13 6.51
CA VAL B 143 15.56 -20.38 5.24
C VAL B 143 16.68 -19.33 5.21
N ILE B 144 17.60 -19.56 4.28
CA ILE B 144 18.77 -18.68 4.00
C ILE B 144 18.34 -17.58 3.02
N TYR B 145 18.48 -16.32 3.40
CA TYR B 145 18.17 -15.17 2.49
C TYR B 145 19.47 -14.64 1.88
N CYS B 146 19.45 -14.39 0.57
CA CYS B 146 20.53 -13.73 -0.21
C CYS B 146 19.92 -12.69 -1.19
N ARG B 147 20.74 -11.90 -1.86
CA ARG B 147 20.23 -10.91 -2.86
C ARG B 147 20.73 -11.24 -4.27
N ASP B 148 21.94 -11.77 -4.39
CA ASP B 148 22.56 -12.02 -5.70
C ASP B 148 21.97 -13.30 -6.31
N LYS B 149 21.61 -13.25 -7.59
CA LYS B 149 21.09 -14.45 -8.31
C LYS B 149 22.16 -15.54 -8.42
N GLU B 150 23.45 -15.20 -8.58
CA GLU B 150 24.54 -16.21 -8.69
C GLU B 150 24.74 -16.87 -7.32
N TRP B 151 24.61 -16.09 -6.25
CA TRP B 151 24.74 -16.58 -4.85
C TRP B 151 23.58 -17.56 -4.57
N GLU B 152 22.34 -17.18 -4.91
CA GLU B 152 21.15 -18.06 -4.77
C GLU B 152 21.47 -19.41 -5.39
N LYS B 153 22.01 -19.43 -6.61
CA LYS B 153 22.34 -20.68 -7.34
C LYS B 153 23.36 -21.50 -6.53
N LYS B 154 24.43 -20.88 -6.07
CA LYS B 154 25.55 -21.61 -5.41
C LYS B 154 25.10 -22.18 -4.06
N ILE B 155 24.27 -21.44 -3.32
CA ILE B 155 23.72 -21.86 -1.99
C ILE B 155 22.72 -23.00 -2.22
N SER B 156 21.87 -22.82 -3.22
CA SER B 156 20.90 -23.87 -3.60
C SER B 156 21.65 -25.16 -3.93
N GLU B 157 22.73 -25.05 -4.70
CA GLU B 157 23.57 -26.19 -5.16
C GLU B 157 24.24 -26.86 -3.96
N ALA B 158 24.73 -26.06 -3.01
CA ALA B 158 25.39 -26.57 -1.79
C ALA B 158 24.35 -27.36 -0.98
N ILE B 159 23.12 -26.86 -0.82
CA ILE B 159 22.04 -27.56 -0.05
C ILE B 159 21.75 -28.92 -0.71
N GLN B 160 21.53 -28.94 -2.03
CA GLN B 160 21.06 -30.16 -2.75
C GLN B 160 22.12 -31.26 -2.75
N MET B 161 23.41 -30.88 -2.73
CA MET B 161 24.56 -31.80 -2.91
C MET B 161 24.74 -32.69 -1.68
N ARG B 162 24.16 -32.32 -0.53
CA ARG B 162 24.31 -33.08 0.74
C ARG B 162 23.07 -33.94 1.01
N THR B 163 22.02 -33.81 0.19
CA THR B 163 20.75 -34.57 0.34
C THR B 163 20.68 -35.72 -0.68
N GLY C 1 -12.54 -4.61 -25.06
CA GLY C 1 -13.28 -4.47 -23.75
C GLY C 1 -14.62 -5.18 -23.76
N ALA C 2 -15.21 -5.41 -22.58
CA ALA C 2 -16.59 -5.93 -22.45
C ALA C 2 -17.50 -4.78 -22.90
N MET C 3 -18.57 -5.07 -23.63
CA MET C 3 -19.52 -4.02 -24.11
C MET C 3 -20.11 -3.23 -22.92
N ALA C 4 -20.32 -3.85 -21.75
CA ALA C 4 -20.85 -3.17 -20.55
C ALA C 4 -20.11 -3.73 -19.33
N PRO C 5 -18.85 -3.27 -19.09
CA PRO C 5 -17.99 -3.83 -18.02
C PRO C 5 -18.76 -4.00 -16.71
N SER C 6 -18.66 -5.15 -16.06
CA SER C 6 -19.45 -5.51 -14.86
C SER C 6 -18.55 -6.13 -13.79
N TYR C 7 -19.06 -6.16 -12.57
CA TYR C 7 -18.55 -6.99 -11.48
C TYR C 7 -19.58 -8.09 -11.19
N ARG C 8 -19.11 -9.30 -10.92
CA ARG C 8 -19.96 -10.42 -10.47
C ARG C 8 -19.18 -11.16 -9.40
N VAL C 9 -19.88 -11.90 -8.57
CA VAL C 9 -19.24 -12.81 -7.59
C VAL C 9 -19.82 -14.20 -7.75
N LYS C 10 -18.94 -15.18 -7.60
CA LYS C 10 -19.28 -16.62 -7.70
C LYS C 10 -18.64 -17.33 -6.49
N ARG C 11 -19.43 -18.17 -5.82
CA ARG C 11 -18.95 -19.11 -4.77
C ARG C 11 -18.63 -20.44 -5.47
N MET C 12 -17.36 -20.66 -5.82
CA MET C 12 -16.92 -21.76 -6.69
C MET C 12 -15.39 -21.73 -6.82
N ASP C 13 -14.78 -22.88 -7.15
CA ASP C 13 -13.32 -23.05 -7.33
C ASP C 13 -12.86 -22.18 -8.51
N ILE C 14 -11.92 -21.26 -8.24
CA ILE C 14 -11.39 -20.33 -9.26
C ILE C 14 -10.64 -21.17 -10.31
N ALA C 15 -10.20 -22.37 -9.94
CA ALA C 15 -9.50 -23.23 -10.90
C ALA C 15 -10.44 -23.74 -12.01
N LYS C 16 -11.75 -23.52 -11.86
N LYS C 16 -11.76 -23.56 -11.87
CA LYS C 16 -12.81 -23.92 -12.83
CA LYS C 16 -12.76 -23.94 -12.91
C LYS C 16 -13.51 -22.68 -13.38
C LYS C 16 -13.49 -22.69 -13.41
N ASN C 17 -12.84 -21.52 -13.37
CA ASN C 17 -13.44 -20.26 -13.89
C ASN C 17 -13.83 -20.33 -15.37
N ASP C 18 -14.72 -19.43 -15.75
CA ASP C 18 -15.22 -19.22 -17.14
C ASP C 18 -14.71 -17.92 -17.77
N GLU C 19 -13.56 -17.40 -17.34
CA GLU C 19 -13.01 -16.12 -17.83
C GLU C 19 -11.74 -16.32 -18.69
N GLU C 20 -11.28 -15.25 -19.32
CA GLU C 20 -10.14 -15.29 -20.30
C GLU C 20 -8.76 -15.37 -19.61
N CYS C 21 -8.70 -15.15 -18.31
CA CYS C 21 -7.45 -15.24 -17.52
C CYS C 21 -7.79 -15.31 -16.05
N VAL C 22 -6.80 -15.68 -15.24
CA VAL C 22 -7.00 -15.90 -13.79
C VAL C 22 -5.95 -15.13 -13.00
N VAL C 23 -6.34 -14.63 -11.84
CA VAL C 23 -5.39 -14.04 -10.86
C VAL C 23 -5.13 -15.09 -9.81
N ASN C 24 -3.85 -15.43 -9.64
CA ASN C 24 -3.40 -16.33 -8.55
C ASN C 24 -3.08 -15.48 -7.32
N ALA C 25 -3.51 -15.92 -6.14
CA ALA C 25 -3.05 -15.32 -4.85
C ALA C 25 -1.70 -15.95 -4.52
N ALA C 26 -0.65 -15.42 -5.12
CA ALA C 26 0.70 -16.00 -5.14
C ALA C 26 1.52 -15.64 -3.89
N ASN C 27 2.65 -16.34 -3.74
CA ASN C 27 3.67 -16.11 -2.69
C ASN C 27 4.91 -15.64 -3.43
N PRO C 28 5.78 -14.84 -2.78
CA PRO C 28 6.89 -14.23 -3.50
C PRO C 28 7.85 -15.26 -4.11
N ARG C 29 7.87 -16.51 -3.65
CA ARG C 29 8.87 -17.51 -4.14
C ARG C 29 8.34 -18.24 -5.38
N GLY C 30 7.06 -18.15 -5.71
CA GLY C 30 6.54 -18.85 -6.88
C GLY C 30 6.32 -20.33 -6.57
N LEU C 31 6.05 -20.64 -5.29
CA LEU C 31 5.80 -22.00 -4.76
C LEU C 31 4.31 -22.35 -4.81
N PRO C 32 3.99 -23.65 -4.97
CA PRO C 32 2.62 -24.15 -4.90
C PRO C 32 1.74 -23.54 -3.80
N GLY C 33 2.30 -23.35 -2.60
CA GLY C 33 1.60 -22.64 -1.51
C GLY C 33 0.34 -23.37 -1.07
N ASP C 34 -0.67 -22.62 -0.62
CA ASP C 34 -1.93 -23.13 -0.03
C ASP C 34 -3.14 -22.38 -0.59
N GLY C 35 -4.35 -22.81 -0.22
CA GLY C 35 -5.62 -22.15 -0.60
C GLY C 35 -5.74 -22.08 -2.11
N VAL C 36 -6.15 -20.91 -2.63
CA VAL C 36 -6.31 -20.59 -4.08
C VAL C 36 -5.04 -21.01 -4.82
N CYS C 37 -3.87 -20.71 -4.25
CA CYS C 37 -2.54 -20.92 -4.89
C CYS C 37 -2.29 -22.42 -5.19
N LYS C 38 -2.74 -23.33 -4.32
CA LYS C 38 -2.61 -24.80 -4.51
C LYS C 38 -3.53 -25.31 -5.65
N ALA C 39 -4.81 -24.96 -5.64
CA ALA C 39 -5.78 -25.21 -6.74
C ALA C 39 -5.22 -24.71 -8.10
N VAL C 40 -4.64 -23.50 -8.12
CA VAL C 40 -4.05 -22.88 -9.32
C VAL C 40 -2.85 -23.73 -9.78
N TYR C 41 -2.00 -24.14 -8.84
CA TYR C 41 -0.79 -24.95 -9.13
C TYR C 41 -1.23 -26.26 -9.78
N LYS C 42 -2.30 -26.86 -9.28
CA LYS C 42 -2.81 -28.16 -9.77
C LYS C 42 -3.39 -27.99 -11.19
N LYS C 43 -4.09 -26.87 -11.46
CA LYS C 43 -4.73 -26.64 -12.78
C LYS C 43 -3.72 -26.16 -13.82
N TRP C 44 -2.80 -25.27 -13.45
CA TRP C 44 -1.89 -24.59 -14.41
C TRP C 44 -0.45 -24.66 -13.92
N PRO C 45 0.09 -25.88 -13.69
CA PRO C 45 1.45 -26.01 -13.13
C PRO C 45 2.51 -25.32 -13.98
N GLU C 46 2.38 -25.34 -15.31
CA GLU C 46 3.34 -24.72 -16.27
C GLU C 46 3.46 -23.19 -16.06
N SER C 47 2.44 -22.54 -15.48
CA SER C 47 2.47 -21.08 -15.21
C SER C 47 3.41 -20.74 -14.03
N PHE C 48 3.95 -21.75 -13.32
CA PHE C 48 4.84 -21.53 -12.13
C PHE C 48 6.33 -21.49 -12.50
N LYS C 49 6.65 -21.61 -13.79
CA LYS C 49 8.01 -21.40 -14.36
C LYS C 49 8.41 -19.94 -14.18
N ASN C 50 9.33 -19.67 -13.24
CA ASN C 50 9.92 -18.32 -13.03
C ASN C 50 8.79 -17.32 -12.72
N SER C 51 7.81 -17.74 -11.92
CA SER C 51 6.66 -16.91 -11.48
C SER C 51 7.05 -15.99 -10.32
N ALA C 52 8.16 -16.30 -9.62
CA ALA C 52 8.62 -15.50 -8.44
C ALA C 52 8.51 -14.01 -8.74
N THR C 53 7.96 -13.23 -7.81
CA THR C 53 7.78 -11.77 -7.93
C THR C 53 7.56 -11.20 -6.53
N PRO C 54 8.07 -9.99 -6.24
CA PRO C 54 8.03 -9.43 -4.89
C PRO C 54 6.62 -9.07 -4.38
N VAL C 55 6.49 -9.01 -3.07
CA VAL C 55 5.26 -8.47 -2.43
C VAL C 55 4.90 -7.15 -3.11
N GLY C 56 3.59 -6.92 -3.38
CA GLY C 56 3.10 -5.67 -3.98
C GLY C 56 3.13 -5.64 -5.50
N THR C 57 3.47 -6.76 -6.14
CA THR C 57 3.65 -6.83 -7.63
C THR C 57 2.79 -7.95 -8.21
N ALA C 58 2.67 -7.95 -9.53
CA ALA C 58 2.04 -9.07 -10.28
C ALA C 58 2.90 -9.44 -11.47
N LYS C 59 2.99 -10.75 -11.73
CA LYS C 59 3.78 -11.28 -12.88
C LYS C 59 2.91 -12.28 -13.63
N THR C 60 2.70 -12.06 -14.92
CA THR C 60 1.92 -13.01 -15.76
C THR C 60 2.82 -14.08 -16.36
N VAL C 61 2.43 -15.33 -16.18
CA VAL C 61 3.01 -16.47 -16.94
C VAL C 61 1.90 -17.26 -17.65
N MET C 62 2.11 -17.55 -18.94
CA MET C 62 1.17 -18.32 -19.78
C MET C 62 1.26 -19.81 -19.41
N CYS C 63 0.11 -20.48 -19.36
CA CYS C 63 -0.03 -21.94 -19.34
C CYS C 63 -0.67 -22.28 -20.70
N GLY C 64 0.14 -22.71 -21.68
CA GLY C 64 -0.31 -22.69 -23.09
C GLY C 64 -0.50 -21.26 -23.58
N THR C 65 -1.72 -20.82 -23.92
CA THR C 65 -2.02 -19.39 -24.21
C THR C 65 -2.91 -18.77 -23.09
N TYR C 66 -3.21 -19.50 -22.02
CA TYR C 66 -4.11 -19.05 -20.93
C TYR C 66 -3.25 -18.29 -19.90
N PRO C 67 -3.46 -16.96 -19.74
CA PRO C 67 -2.62 -16.18 -18.84
C PRO C 67 -2.98 -16.43 -17.38
N VAL C 68 -1.94 -16.66 -16.57
CA VAL C 68 -2.06 -16.70 -15.09
C VAL C 68 -1.29 -15.51 -14.52
N ILE C 69 -1.99 -14.59 -13.83
CA ILE C 69 -1.46 -13.33 -13.31
C ILE C 69 -1.13 -13.59 -11.84
N HIS C 70 0.16 -13.83 -11.49
CA HIS C 70 0.55 -14.13 -10.10
C HIS C 70 0.68 -12.81 -9.32
N ALA C 71 -0.27 -12.54 -8.43
CA ALA C 71 -0.35 -11.28 -7.66
C ALA C 71 0.04 -11.60 -6.22
N VAL C 72 1.05 -10.88 -5.72
CA VAL C 72 1.54 -11.18 -4.36
C VAL C 72 1.08 -10.08 -3.39
N GLY C 73 0.01 -10.34 -2.66
CA GLY C 73 -0.41 -9.46 -1.57
C GLY C 73 0.51 -9.66 -0.38
N PRO C 74 0.49 -8.71 0.57
CA PRO C 74 1.27 -8.87 1.80
C PRO C 74 0.69 -9.94 2.71
N ASN C 75 1.55 -10.63 3.44
CA ASN C 75 1.14 -11.52 4.54
C ASN C 75 1.04 -10.70 5.83
N PHE C 76 -0.17 -10.46 6.32
CA PHE C 76 -0.39 -9.58 7.50
C PHE C 76 0.04 -10.22 8.81
N SER C 77 0.51 -11.48 8.80
CA SER C 77 1.19 -12.07 9.99
C SER C 77 2.50 -11.33 10.24
N ASN C 78 3.13 -10.83 9.16
CA ASN C 78 4.51 -10.30 9.10
C ASN C 78 4.52 -8.88 8.49
N TYR C 79 3.36 -8.21 8.39
CA TYR C 79 3.29 -6.79 7.93
C TYR C 79 2.44 -6.00 8.93
N THR C 80 2.82 -4.77 9.21
CA THR C 80 1.99 -3.89 10.06
C THR C 80 0.72 -3.53 9.28
N GLU C 81 -0.30 -3.07 9.95
CA GLU C 81 -1.52 -2.59 9.23
C GLU C 81 -1.14 -1.50 8.23
N SER C 82 -0.30 -0.55 8.64
CA SER C 82 0.09 0.60 7.79
C SER C 82 0.84 0.11 6.53
N GLU C 83 1.89 -0.69 6.69
CA GLU C 83 2.76 -1.05 5.55
C GLU C 83 1.99 -2.07 4.68
N GLY C 84 1.21 -2.94 5.28
CA GLY C 84 0.42 -3.95 4.54
C GLY C 84 -0.61 -3.27 3.68
N ASP C 85 -1.29 -2.27 4.22
CA ASP C 85 -2.35 -1.59 3.47
C ASP C 85 -1.78 -1.04 2.17
N ARG C 86 -0.59 -0.46 2.21
CA ARG C 86 0.03 0.08 0.98
C ARG C 86 0.38 -1.05 -0.01
N GLU C 87 0.93 -2.16 0.47
CA GLU C 87 1.37 -3.25 -0.46
C GLU C 87 0.13 -3.94 -1.06
N LEU C 88 -0.99 -4.02 -0.32
CA LEU C 88 -2.23 -4.66 -0.82
C LEU C 88 -2.77 -3.81 -1.97
N ALA C 89 -2.84 -2.49 -1.77
CA ALA C 89 -3.27 -1.53 -2.82
C ALA C 89 -2.39 -1.69 -4.06
N ALA C 90 -1.07 -1.81 -3.89
CA ALA C 90 -0.10 -1.86 -5.00
C ALA C 90 -0.30 -3.17 -5.78
N ALA C 91 -0.49 -4.30 -5.10
CA ALA C 91 -0.69 -5.63 -5.75
C ALA C 91 -1.89 -5.51 -6.69
N TYR C 92 -2.99 -4.98 -6.21
CA TYR C 92 -4.17 -4.80 -7.09
C TYR C 92 -3.90 -3.86 -8.26
N ARG C 93 -3.21 -2.73 -8.06
N ARG C 93 -3.20 -2.74 -8.07
CA ARG C 93 -2.85 -1.80 -9.16
CA ARG C 93 -2.86 -1.83 -9.19
C ARG C 93 -2.07 -2.57 -10.24
C ARG C 93 -2.08 -2.59 -10.25
N GLU C 94 -1.14 -3.44 -9.83
CA GLU C 94 -0.34 -4.25 -10.79
C GLU C 94 -1.27 -5.26 -11.49
N VAL C 95 -2.31 -5.80 -10.85
CA VAL C 95 -3.26 -6.73 -11.54
C VAL C 95 -3.97 -5.93 -12.64
N ALA C 96 -4.42 -4.70 -12.34
CA ALA C 96 -5.13 -3.85 -13.33
C ALA C 96 -4.24 -3.60 -14.54
N LYS C 97 -2.96 -3.28 -14.30
CA LYS C 97 -1.96 -3.12 -15.39
C LYS C 97 -1.87 -4.40 -16.27
N GLU C 98 -1.72 -5.56 -15.65
CA GLU C 98 -1.51 -6.84 -16.36
C GLU C 98 -2.76 -7.21 -17.16
N VAL C 99 -3.95 -7.05 -16.56
CA VAL C 99 -5.23 -7.31 -17.31
C VAL C 99 -5.29 -6.39 -18.53
N THR C 100 -4.96 -5.11 -18.38
CA THR C 100 -5.02 -4.11 -19.48
C THR C 100 -4.03 -4.54 -20.58
N ARG C 101 -2.81 -4.87 -20.17
CA ARG C 101 -1.71 -5.26 -21.09
C ARG C 101 -2.18 -6.47 -21.91
N LEU C 102 -2.82 -7.44 -21.29
CA LEU C 102 -3.22 -8.69 -21.98
C LEU C 102 -4.34 -8.47 -23.00
N GLY C 103 -5.14 -7.42 -22.86
CA GLY C 103 -6.24 -7.12 -23.80
C GLY C 103 -7.45 -8.03 -23.58
N VAL C 104 -7.51 -8.79 -22.48
CA VAL C 104 -8.63 -9.72 -22.14
C VAL C 104 -9.94 -8.94 -21.94
N ASN C 105 -11.08 -9.59 -22.21
CA ASN C 105 -12.42 -9.00 -21.91
C ASN C 105 -12.98 -9.45 -20.56
N SER C 106 -12.28 -10.35 -19.87
CA SER C 106 -12.73 -10.90 -18.58
C SER C 106 -11.54 -11.42 -17.77
N VAL C 107 -11.72 -11.49 -16.45
CA VAL C 107 -10.67 -11.94 -15.48
C VAL C 107 -11.38 -12.52 -14.26
N ALA C 108 -10.86 -13.63 -13.74
CA ALA C 108 -11.28 -14.32 -12.51
C ALA C 108 -10.29 -13.87 -11.44
N ILE C 109 -10.81 -13.32 -10.34
N ILE C 109 -10.79 -13.36 -10.32
CA ILE C 109 -9.94 -12.74 -9.27
CA ILE C 109 -9.89 -12.77 -9.29
C ILE C 109 -10.39 -13.28 -7.92
C ILE C 109 -10.37 -13.19 -7.91
N PRO C 110 -9.45 -13.63 -7.03
CA PRO C 110 -9.74 -13.87 -5.62
C PRO C 110 -9.47 -12.59 -4.79
N LEU C 111 -9.94 -12.55 -3.56
CA LEU C 111 -9.63 -11.39 -2.67
C LEU C 111 -8.26 -11.64 -2.04
N LEU C 112 -7.30 -10.84 -2.45
CA LEU C 112 -5.91 -10.95 -1.96
C LEU C 112 -5.84 -10.67 -0.47
N SER C 113 -4.94 -11.39 0.21
CA SER C 113 -4.57 -11.22 1.63
C SER C 113 -5.76 -11.53 2.54
N THR C 114 -6.69 -12.41 2.15
CA THR C 114 -7.88 -12.73 3.00
C THR C 114 -7.87 -14.15 3.62
N GLY C 115 -6.91 -15.01 3.28
CA GLY C 115 -6.88 -16.38 3.85
C GLY C 115 -5.70 -16.50 4.81
N VAL C 116 -4.72 -17.32 4.48
CA VAL C 116 -3.49 -17.53 5.30
C VAL C 116 -2.73 -16.22 5.46
N TYR C 117 -2.80 -15.30 4.48
CA TYR C 117 -2.12 -13.98 4.54
C TYR C 117 -2.93 -12.89 5.31
N SER C 118 -4.09 -13.25 5.86
CA SER C 118 -4.98 -12.32 6.61
C SER C 118 -4.38 -11.93 7.97
N GLY C 119 -3.44 -12.71 8.51
CA GLY C 119 -2.95 -12.52 9.89
C GLY C 119 -4.07 -12.72 10.91
N GLY C 120 -5.09 -13.51 10.57
CA GLY C 120 -6.26 -13.89 11.39
C GLY C 120 -7.34 -12.83 11.55
N LYS C 121 -7.34 -11.79 10.71
CA LYS C 121 -8.35 -10.69 10.73
C LYS C 121 -9.30 -10.86 9.54
N ASP C 122 -10.53 -10.39 9.68
CA ASP C 122 -11.51 -10.35 8.57
C ASP C 122 -11.13 -9.16 7.68
N ARG C 123 -10.67 -9.42 6.45
CA ARG C 123 -10.20 -8.34 5.52
C ARG C 123 -11.10 -8.29 4.28
N LEU C 124 -12.35 -8.74 4.35
CA LEU C 124 -13.24 -8.71 3.16
C LEU C 124 -13.35 -7.27 2.63
N THR C 125 -13.80 -6.32 3.48
CA THR C 125 -14.04 -4.94 3.04
C THR C 125 -12.74 -4.31 2.58
N GLN C 126 -11.64 -4.49 3.31
CA GLN C 126 -10.34 -3.86 2.95
C GLN C 126 -9.89 -4.37 1.58
N SER C 127 -9.87 -5.69 1.40
CA SER C 127 -9.41 -6.31 0.13
C SER C 127 -10.32 -5.89 -1.03
N LEU C 128 -11.64 -5.94 -0.83
CA LEU C 128 -12.61 -5.60 -1.90
C LEU C 128 -12.49 -4.12 -2.27
N ASN C 129 -12.31 -3.22 -1.28
CA ASN C 129 -12.10 -1.77 -1.57
C ASN C 129 -10.87 -1.58 -2.46
N HIS C 130 -9.75 -2.25 -2.16
CA HIS C 130 -8.54 -2.08 -2.98
C HIS C 130 -8.80 -2.64 -4.39
N LEU C 131 -9.55 -3.75 -4.49
CA LEU C 131 -9.87 -4.38 -5.79
C LEU C 131 -10.61 -3.37 -6.65
N PHE C 132 -11.65 -2.74 -6.11
CA PHE C 132 -12.48 -1.78 -6.87
C PHE C 132 -11.65 -0.56 -7.25
N THR C 133 -10.81 -0.05 -6.32
CA THR C 133 -9.97 1.14 -6.56
C THR C 133 -9.08 0.87 -7.80
N ALA C 134 -8.55 -0.36 -7.94
CA ALA C 134 -7.64 -0.69 -9.06
C ALA C 134 -8.45 -1.03 -10.31
N MET C 135 -9.56 -1.74 -10.18
CA MET C 135 -10.23 -2.35 -11.37
C MET C 135 -11.35 -1.47 -11.95
N ASP C 136 -11.77 -0.40 -11.23
CA ASP C 136 -12.90 0.42 -11.73
C ASP C 136 -12.55 1.09 -13.05
N SER C 137 -11.27 1.44 -13.30
CA SER C 137 -10.86 2.12 -14.55
C SER C 137 -10.59 1.13 -15.69
N THR C 138 -10.69 -0.18 -15.47
CA THR C 138 -10.56 -1.23 -16.50
C THR C 138 -11.90 -1.54 -17.14
N ASP C 139 -11.90 -2.05 -18.38
CA ASP C 139 -13.12 -2.39 -19.15
C ASP C 139 -13.31 -3.91 -19.25
N ALA C 140 -12.61 -4.70 -18.43
CA ALA C 140 -12.81 -6.16 -18.39
C ALA C 140 -14.00 -6.51 -17.51
N ASP C 141 -14.77 -7.52 -17.87
CA ASP C 141 -15.71 -8.17 -16.91
C ASP C 141 -14.89 -8.80 -15.79
N VAL C 142 -15.16 -8.42 -14.55
CA VAL C 142 -14.44 -8.95 -13.37
C VAL C 142 -15.34 -9.92 -12.64
N VAL C 143 -14.88 -11.13 -12.40
CA VAL C 143 -15.65 -12.16 -11.66
C VAL C 143 -14.85 -12.53 -10.43
N ILE C 144 -15.37 -12.24 -9.26
CA ILE C 144 -14.68 -12.48 -7.97
C ILE C 144 -15.07 -13.87 -7.50
N TYR C 145 -14.11 -14.70 -7.11
CA TYR C 145 -14.35 -16.07 -6.60
C TYR C 145 -14.15 -16.11 -5.09
N CYS C 146 -15.10 -16.71 -4.39
CA CYS C 146 -14.99 -16.93 -2.94
C CYS C 146 -15.47 -18.37 -2.62
N ARG C 147 -15.31 -18.77 -1.36
CA ARG C 147 -15.68 -20.12 -0.85
C ARG C 147 -16.79 -20.01 0.20
N ASP C 148 -16.66 -19.12 1.17
CA ASP C 148 -17.63 -18.99 2.30
C ASP C 148 -18.94 -18.39 1.79
N LYS C 149 -20.08 -18.90 2.26
CA LYS C 149 -21.43 -18.46 1.83
C LYS C 149 -21.74 -17.03 2.33
N GLU C 150 -21.33 -16.65 3.53
CA GLU C 150 -21.60 -15.27 4.05
C GLU C 150 -20.71 -14.25 3.31
N TRP C 151 -19.48 -14.62 2.92
CA TRP C 151 -18.63 -13.72 2.09
C TRP C 151 -19.32 -13.49 0.74
N GLU C 152 -19.88 -14.52 0.12
CA GLU C 152 -20.61 -14.34 -1.15
C GLU C 152 -21.68 -13.23 -1.03
N LYS C 153 -22.48 -13.31 0.04
CA LYS C 153 -23.58 -12.35 0.36
C LYS C 153 -23.01 -10.93 0.48
N LYS C 154 -22.00 -10.74 1.33
CA LYS C 154 -21.38 -9.41 1.60
C LYS C 154 -20.84 -8.83 0.30
N ILE C 155 -20.05 -9.62 -0.44
CA ILE C 155 -19.46 -9.16 -1.73
C ILE C 155 -20.58 -8.76 -2.71
N SER C 156 -21.62 -9.59 -2.83
CA SER C 156 -22.75 -9.32 -3.76
C SER C 156 -23.40 -7.97 -3.40
N GLU C 157 -23.63 -7.71 -2.11
CA GLU C 157 -24.29 -6.45 -1.66
C GLU C 157 -23.36 -5.26 -1.91
N ALA C 158 -22.05 -5.41 -1.68
CA ALA C 158 -21.09 -4.34 -2.00
C ALA C 158 -21.15 -3.97 -3.49
N ILE C 159 -21.28 -4.95 -4.39
CA ILE C 159 -21.29 -4.75 -5.86
C ILE C 159 -22.63 -4.06 -6.19
N GLN C 160 -23.71 -4.56 -5.61
CA GLN C 160 -25.08 -4.04 -5.95
C GLN C 160 -25.25 -2.61 -5.45
N MET C 161 -24.64 -2.28 -4.29
CA MET C 161 -24.76 -0.97 -3.60
C MET C 161 -24.23 0.17 -4.48
N ARG C 162 -23.46 -0.12 -5.54
CA ARG C 162 -22.86 0.89 -6.45
C ARG C 162 -23.60 0.91 -7.80
N THR C 163 -24.57 0.02 -8.01
CA THR C 163 -25.43 -0.05 -9.22
C THR C 163 -26.76 0.65 -8.92
N PRO D 5 -14.99 23.78 -37.77
CA PRO D 5 -15.45 24.09 -36.40
C PRO D 5 -14.68 25.28 -35.81
N SER D 6 -15.18 25.81 -34.69
N SER D 6 -15.24 25.88 -34.75
CA SER D 6 -14.63 26.97 -33.93
CA SER D 6 -14.62 26.97 -33.95
C SER D 6 -14.35 26.55 -32.49
C SER D 6 -14.24 26.40 -32.57
N TYR D 7 -13.21 26.96 -31.94
CA TYR D 7 -12.76 26.52 -30.58
C TYR D 7 -12.67 27.72 -29.67
N ARG D 8 -13.14 27.53 -28.43
CA ARG D 8 -12.99 28.45 -27.29
C ARG D 8 -12.61 27.63 -26.07
N VAL D 9 -12.11 28.30 -25.03
CA VAL D 9 -11.85 27.68 -23.71
C VAL D 9 -12.54 28.53 -22.64
N LYS D 10 -13.07 27.88 -21.60
CA LYS D 10 -13.63 28.54 -20.40
C LYS D 10 -13.04 27.86 -19.17
N ARG D 11 -12.63 28.65 -18.18
CA ARG D 11 -12.27 28.13 -16.84
C ARG D 11 -13.55 28.19 -16.01
N MET D 12 -14.32 27.09 -16.00
CA MET D 12 -15.58 27.00 -15.22
C MET D 12 -16.05 25.55 -15.26
N ASP D 13 -16.98 25.26 -14.35
CA ASP D 13 -17.57 23.90 -14.17
C ASP D 13 -18.30 23.51 -15.47
N ILE D 14 -17.91 22.41 -16.11
CA ILE D 14 -18.56 21.93 -17.36
C ILE D 14 -20.04 21.56 -17.07
N ALA D 15 -20.38 21.33 -15.80
CA ALA D 15 -21.77 21.04 -15.36
C ALA D 15 -22.62 22.31 -15.49
N LYS D 16 -22.02 23.48 -15.73
CA LYS D 16 -22.78 24.72 -15.98
C LYS D 16 -22.51 25.27 -17.37
N ASN D 17 -22.24 24.41 -18.34
CA ASN D 17 -21.92 24.85 -19.71
C ASN D 17 -23.10 25.54 -20.40
N ASP D 18 -22.80 26.30 -21.44
CA ASP D 18 -23.79 27.04 -22.27
C ASP D 18 -23.91 26.41 -23.66
N GLU D 19 -23.63 25.11 -23.81
CA GLU D 19 -23.68 24.48 -25.15
C GLU D 19 -24.85 23.47 -25.26
N GLU D 20 -25.10 22.97 -26.46
CA GLU D 20 -26.26 22.06 -26.73
C GLU D 20 -26.04 20.63 -26.22
N CYS D 21 -24.80 20.21 -25.91
CA CYS D 21 -24.56 18.87 -25.34
C CYS D 21 -23.23 18.88 -24.60
N VAL D 22 -22.96 17.82 -23.87
CA VAL D 22 -21.77 17.76 -22.98
C VAL D 22 -21.08 16.43 -23.19
N VAL D 23 -19.75 16.45 -23.14
CA VAL D 23 -18.91 15.22 -23.10
C VAL D 23 -18.49 14.96 -21.65
N ASN D 24 -18.84 13.79 -21.16
CA ASN D 24 -18.42 13.31 -19.84
C ASN D 24 -17.05 12.66 -19.98
N ALA D 25 -16.11 12.97 -19.09
CA ALA D 25 -14.85 12.19 -18.94
C ALA D 25 -15.20 10.97 -18.06
N ALA D 26 -15.79 9.97 -18.69
CA ALA D 26 -16.44 8.82 -18.06
C ALA D 26 -15.44 7.72 -17.69
N ASN D 27 -15.84 6.86 -16.78
CA ASN D 27 -15.17 5.57 -16.49
C ASN D 27 -15.92 4.47 -17.25
N PRO D 28 -15.29 3.31 -17.50
CA PRO D 28 -15.95 2.34 -18.36
C PRO D 28 -17.18 1.67 -17.73
N ARG D 29 -17.37 1.80 -16.43
CA ARG D 29 -18.40 1.04 -15.65
C ARG D 29 -19.65 1.90 -15.46
N GLY D 30 -19.65 3.15 -15.91
CA GLY D 30 -20.79 4.06 -15.70
C GLY D 30 -20.97 4.39 -14.23
N LEU D 31 -19.88 4.41 -13.45
CA LEU D 31 -19.89 4.80 -12.01
C LEU D 31 -19.86 6.32 -11.90
N PRO D 32 -20.35 6.88 -10.77
CA PRO D 32 -20.30 8.32 -10.49
C PRO D 32 -18.91 8.94 -10.55
N GLY D 33 -17.90 8.21 -10.07
CA GLY D 33 -16.50 8.63 -10.28
C GLY D 33 -16.10 9.84 -9.46
N ASP D 34 -15.14 10.60 -9.97
CA ASP D 34 -14.66 11.88 -9.36
C ASP D 34 -14.35 12.89 -10.47
N GLY D 35 -13.99 14.10 -10.10
CA GLY D 35 -13.67 15.17 -11.07
C GLY D 35 -14.88 15.54 -11.91
N VAL D 36 -14.65 15.70 -13.22
CA VAL D 36 -15.71 16.01 -14.22
C VAL D 36 -16.86 15.02 -14.05
N CYS D 37 -16.54 13.73 -13.95
CA CYS D 37 -17.53 12.63 -13.95
C CYS D 37 -18.46 12.84 -12.76
N LYS D 38 -17.91 13.20 -11.59
CA LYS D 38 -18.74 13.41 -10.37
C LYS D 38 -19.70 14.60 -10.56
N ALA D 39 -19.26 15.66 -11.18
CA ALA D 39 -20.07 16.89 -11.42
C ALA D 39 -21.18 16.60 -12.43
N VAL D 40 -20.86 15.83 -13.45
CA VAL D 40 -21.80 15.36 -14.49
C VAL D 40 -22.83 14.44 -13.82
N TYR D 41 -22.39 13.58 -12.89
CA TYR D 41 -23.34 12.70 -12.18
C TYR D 41 -24.36 13.52 -11.33
N LYS D 42 -23.89 14.57 -10.67
CA LYS D 42 -24.75 15.43 -9.81
C LYS D 42 -25.74 16.20 -10.69
N LYS D 43 -25.30 16.67 -11.86
CA LYS D 43 -26.11 17.55 -12.76
C LYS D 43 -27.08 16.71 -13.60
N TRP D 44 -26.65 15.58 -14.18
CA TRP D 44 -27.43 14.80 -15.16
C TRP D 44 -27.46 13.32 -14.74
N PRO D 45 -27.89 12.96 -13.51
CA PRO D 45 -27.79 11.56 -13.07
C PRO D 45 -28.56 10.59 -13.96
N GLU D 46 -29.66 11.02 -14.59
CA GLU D 46 -30.47 10.12 -15.45
C GLU D 46 -29.64 9.62 -16.63
N SER D 47 -28.60 10.37 -17.02
CA SER D 47 -27.76 10.04 -18.20
C SER D 47 -26.83 8.84 -17.88
N PHE D 48 -26.80 8.37 -16.63
CA PHE D 48 -25.95 7.20 -16.28
C PHE D 48 -26.65 5.82 -16.42
N LYS D 49 -27.91 5.81 -16.87
CA LYS D 49 -28.64 4.55 -17.15
C LYS D 49 -28.00 3.87 -18.36
N ASN D 50 -27.39 2.71 -18.14
CA ASN D 50 -26.68 1.91 -19.16
C ASN D 50 -25.64 2.78 -19.93
N SER D 51 -24.86 3.58 -19.20
CA SER D 51 -23.78 4.44 -19.78
C SER D 51 -22.47 3.64 -19.92
N ALA D 52 -22.36 2.48 -19.26
CA ALA D 52 -21.12 1.66 -19.27
C ALA D 52 -20.71 1.38 -20.72
N THR D 53 -19.41 1.54 -21.03
CA THR D 53 -18.94 1.38 -22.43
C THR D 53 -17.44 1.17 -22.33
N PRO D 54 -16.84 0.48 -23.29
CA PRO D 54 -15.42 0.18 -23.16
C PRO D 54 -14.50 1.40 -23.32
N VAL D 55 -13.24 1.24 -22.93
CA VAL D 55 -12.17 2.24 -23.19
C VAL D 55 -12.11 2.54 -24.69
N GLY D 56 -11.90 3.80 -25.04
CA GLY D 56 -11.80 4.24 -26.45
C GLY D 56 -13.13 4.42 -27.16
N THR D 57 -14.25 4.37 -26.44
CA THR D 57 -15.61 4.48 -27.05
C THR D 57 -16.36 5.64 -26.43
N ALA D 58 -17.44 6.04 -27.11
CA ALA D 58 -18.35 7.08 -26.59
C ALA D 58 -19.78 6.54 -26.66
N LYS D 59 -20.58 6.79 -25.64
CA LYS D 59 -21.98 6.33 -25.62
C LYS D 59 -22.85 7.48 -25.14
N THR D 60 -23.81 7.89 -25.97
CA THR D 60 -24.70 9.05 -25.70
C THR D 60 -25.96 8.57 -24.98
N VAL D 61 -26.23 9.16 -23.83
CA VAL D 61 -27.52 8.95 -23.09
C VAL D 61 -28.13 10.32 -22.82
N MET D 62 -29.44 10.43 -23.05
CA MET D 62 -30.17 11.69 -22.89
C MET D 62 -30.53 11.88 -21.42
N CYS D 63 -30.44 13.11 -20.96
CA CYS D 63 -31.05 13.52 -19.69
C CYS D 63 -32.18 14.50 -20.08
N GLY D 64 -33.42 14.03 -20.08
CA GLY D 64 -34.49 14.78 -20.77
C GLY D 64 -34.21 14.78 -22.24
N THR D 65 -33.99 15.95 -22.87
CA THR D 65 -33.59 16.04 -24.29
C THR D 65 -32.12 16.48 -24.39
N TYR D 66 -31.42 16.61 -23.26
CA TYR D 66 -30.03 17.11 -23.24
C TYR D 66 -29.06 15.93 -23.39
N PRO D 67 -28.25 15.85 -24.47
CA PRO D 67 -27.36 14.69 -24.68
C PRO D 67 -26.08 14.76 -23.85
N VAL D 68 -25.77 13.65 -23.16
CA VAL D 68 -24.51 13.48 -22.39
C VAL D 68 -23.72 12.39 -23.14
N ILE D 69 -22.60 12.76 -23.71
CA ILE D 69 -21.76 11.86 -24.54
C ILE D 69 -20.71 11.31 -23.57
N HIS D 70 -20.90 10.10 -23.03
CA HIS D 70 -19.91 9.50 -22.12
C HIS D 70 -18.72 8.98 -22.92
N ALA D 71 -17.55 9.59 -22.76
CA ALA D 71 -16.33 9.26 -23.56
C ALA D 71 -15.33 8.63 -22.59
N VAL D 72 -14.85 7.43 -22.87
CA VAL D 72 -13.96 6.71 -21.91
C VAL D 72 -12.51 6.81 -22.42
N GLY D 73 -11.79 7.76 -21.88
CA GLY D 73 -10.34 7.88 -22.13
C GLY D 73 -9.64 6.77 -21.39
N PRO D 74 -8.41 6.41 -21.82
CA PRO D 74 -7.66 5.39 -21.10
C PRO D 74 -7.03 5.94 -19.81
N ASN D 75 -6.93 5.08 -18.80
CA ASN D 75 -6.16 5.33 -17.56
C ASN D 75 -4.70 4.97 -17.81
N PHE D 76 -3.84 5.98 -17.93
CA PHE D 76 -2.39 5.75 -18.21
C PHE D 76 -1.67 5.12 -17.00
N SER D 77 -2.30 4.98 -15.85
CA SER D 77 -1.78 4.04 -14.82
C SER D 77 -1.83 2.58 -15.28
N ASN D 78 -2.74 2.24 -16.20
CA ASN D 78 -2.97 0.85 -16.63
C ASN D 78 -2.37 0.56 -18.01
N TYR D 79 -2.43 1.52 -18.94
CA TYR D 79 -2.00 1.38 -20.35
C TYR D 79 -0.53 1.82 -20.45
N THR D 80 0.19 1.22 -21.38
CA THR D 80 1.47 1.78 -21.89
C THR D 80 1.25 3.10 -22.59
N GLU D 81 2.30 3.93 -22.71
CA GLU D 81 2.20 5.15 -23.53
C GLU D 81 1.68 4.83 -24.92
N SER D 82 2.19 3.77 -25.54
CA SER D 82 1.85 3.43 -26.94
C SER D 82 0.36 3.05 -27.04
N GLU D 83 -0.10 2.09 -26.24
CA GLU D 83 -1.50 1.56 -26.37
C GLU D 83 -2.49 2.64 -25.88
N GLY D 84 -2.12 3.41 -24.87
CA GLY D 84 -2.93 4.54 -24.35
C GLY D 84 -3.09 5.63 -25.36
N ASP D 85 -2.02 5.98 -26.10
CA ASP D 85 -2.14 7.03 -27.13
C ASP D 85 -3.21 6.68 -28.16
N ARG D 86 -3.25 5.41 -28.57
CA ARG D 86 -4.21 4.89 -29.57
C ARG D 86 -5.65 5.02 -29.01
N GLU D 87 -5.86 4.62 -27.75
CA GLU D 87 -7.22 4.61 -27.14
C GLU D 87 -7.68 6.04 -26.85
N LEU D 88 -6.75 6.97 -26.62
CA LEU D 88 -7.13 8.40 -26.39
C LEU D 88 -7.60 8.97 -27.71
N ALA D 89 -6.87 8.68 -28.80
CA ALA D 89 -7.25 9.09 -30.17
C ALA D 89 -8.66 8.55 -30.46
N ALA D 90 -8.91 7.27 -30.15
CA ALA D 90 -10.16 6.56 -30.48
C ALA D 90 -11.34 7.20 -29.72
N ALA D 91 -11.15 7.50 -28.44
CA ALA D 91 -12.24 8.09 -27.63
C ALA D 91 -12.71 9.40 -28.28
N TYR D 92 -11.77 10.25 -28.65
CA TYR D 92 -12.12 11.53 -29.29
C TYR D 92 -12.76 11.33 -30.68
N ARG D 93 -12.24 10.39 -31.47
CA ARG D 93 -12.84 10.00 -32.78
C ARG D 93 -14.33 9.69 -32.57
N GLU D 94 -14.64 8.87 -31.57
CA GLU D 94 -16.04 8.44 -31.30
C GLU D 94 -16.89 9.62 -30.79
N VAL D 95 -16.32 10.54 -30.01
CA VAL D 95 -17.00 11.82 -29.62
C VAL D 95 -17.41 12.56 -30.91
N ALA D 96 -16.49 12.73 -31.86
CA ALA D 96 -16.70 13.54 -33.08
C ALA D 96 -17.87 12.93 -33.86
N LYS D 97 -17.90 11.60 -33.96
CA LYS D 97 -18.94 10.84 -34.70
C LYS D 97 -20.32 11.02 -34.02
N GLU D 98 -20.35 11.07 -32.69
CA GLU D 98 -21.63 11.32 -31.94
C GLU D 98 -22.09 12.77 -32.14
N VAL D 99 -21.17 13.74 -32.09
CA VAL D 99 -21.51 15.18 -32.27
C VAL D 99 -22.14 15.36 -33.66
N THR D 100 -21.54 14.76 -34.69
CA THR D 100 -22.05 14.87 -36.09
C THR D 100 -23.44 14.23 -36.15
N ARG D 101 -23.60 13.04 -35.59
CA ARG D 101 -24.84 12.22 -35.67
C ARG D 101 -25.99 12.97 -34.99
N LEU D 102 -25.71 13.65 -33.87
CA LEU D 102 -26.73 14.38 -33.07
C LEU D 102 -27.13 15.67 -33.77
N GLY D 103 -26.27 16.19 -34.65
CA GLY D 103 -26.55 17.40 -35.44
C GLY D 103 -26.58 18.66 -34.59
N VAL D 104 -25.89 18.66 -33.45
CA VAL D 104 -25.86 19.83 -32.53
C VAL D 104 -25.06 20.97 -33.17
N ASN D 105 -25.27 22.19 -32.68
CA ASN D 105 -24.50 23.38 -33.11
C ASN D 105 -23.27 23.57 -32.21
N SER D 106 -23.29 23.01 -31.01
CA SER D 106 -22.24 23.30 -30.00
C SER D 106 -22.07 22.11 -29.06
N VAL D 107 -20.87 21.99 -28.49
CA VAL D 107 -20.50 20.90 -27.56
C VAL D 107 -19.49 21.43 -26.55
N ALA D 108 -19.72 21.10 -25.28
CA ALA D 108 -18.86 21.32 -24.11
C ALA D 108 -18.00 20.06 -23.94
N ILE D 109 -16.68 20.21 -23.88
N ILE D 109 -16.68 20.21 -23.93
CA ILE D 109 -15.75 19.04 -23.87
CA ILE D 109 -15.70 19.08 -23.89
C ILE D 109 -14.60 19.27 -22.91
C ILE D 109 -14.65 19.33 -22.81
N PRO D 110 -14.29 18.29 -22.03
CA PRO D 110 -13.13 18.39 -21.16
C PRO D 110 -11.91 17.72 -21.83
N LEU D 111 -10.72 17.90 -21.28
CA LEU D 111 -9.52 17.19 -21.80
C LEU D 111 -9.44 15.79 -21.16
N LEU D 112 -9.75 14.78 -21.97
CA LEU D 112 -9.79 13.38 -21.55
C LEU D 112 -8.39 12.97 -21.08
N SER D 113 -8.37 12.15 -20.05
CA SER D 113 -7.17 11.46 -19.50
C SER D 113 -6.14 12.44 -18.91
N THR D 114 -6.53 13.67 -18.50
CA THR D 114 -5.56 14.68 -17.99
C THR D 114 -5.63 14.84 -16.47
N GLY D 115 -6.58 14.17 -15.81
CA GLY D 115 -6.74 14.17 -14.35
C GLY D 115 -6.25 12.90 -13.70
N VAL D 116 -7.10 12.21 -12.94
CA VAL D 116 -6.72 10.94 -12.27
C VAL D 116 -6.40 9.85 -13.31
N TYR D 117 -6.71 10.02 -14.60
CA TYR D 117 -6.31 9.00 -15.63
C TYR D 117 -4.98 9.38 -16.30
N SER D 118 -4.25 10.39 -15.77
CA SER D 118 -3.03 10.90 -16.46
C SER D 118 -1.80 10.06 -16.11
N GLY D 119 -1.88 9.17 -15.11
CA GLY D 119 -0.74 8.37 -14.67
C GLY D 119 0.37 9.26 -14.09
N GLY D 120 -0.03 10.42 -13.56
CA GLY D 120 0.85 11.41 -12.89
C GLY D 120 1.61 12.31 -13.86
N LYS D 121 1.28 12.27 -15.15
CA LYS D 121 2.00 13.01 -16.20
C LYS D 121 1.12 14.16 -16.69
N ASP D 122 1.75 15.27 -17.10
CA ASP D 122 1.09 16.43 -17.76
C ASP D 122 0.77 16.00 -19.19
N ARG D 123 -0.53 15.85 -19.50
CA ARG D 123 -1.02 15.43 -20.84
C ARG D 123 -1.86 16.53 -21.51
N LEU D 124 -1.70 17.79 -21.14
CA LEU D 124 -2.44 18.90 -21.81
C LEU D 124 -2.23 18.85 -23.33
N THR D 125 -0.98 18.91 -23.82
CA THR D 125 -0.71 19.00 -25.29
C THR D 125 -1.22 17.74 -26.00
N GLN D 126 -0.92 16.58 -25.46
CA GLN D 126 -1.30 15.27 -26.03
C GLN D 126 -2.83 15.19 -26.14
N SER D 127 -3.54 15.46 -25.06
CA SER D 127 -5.04 15.36 -25.06
C SER D 127 -5.66 16.40 -26.04
N LEU D 128 -5.20 17.64 -25.98
CA LEU D 128 -5.67 18.74 -26.87
C LEU D 128 -5.36 18.41 -28.32
N ASN D 129 -4.23 17.78 -28.64
CA ASN D 129 -3.93 17.45 -30.06
C ASN D 129 -4.92 16.42 -30.61
N HIS D 130 -5.23 15.36 -29.86
CA HIS D 130 -6.24 14.34 -30.27
C HIS D 130 -7.62 15.02 -30.39
N LEU D 131 -7.94 15.93 -29.48
CA LEU D 131 -9.24 16.69 -29.49
C LEU D 131 -9.36 17.45 -30.83
N PHE D 132 -8.32 18.22 -31.20
CA PHE D 132 -8.35 19.03 -32.46
C PHE D 132 -8.48 18.09 -33.66
N THR D 133 -7.71 16.99 -33.69
CA THR D 133 -7.71 16.07 -34.84
C THR D 133 -9.11 15.51 -35.10
N ALA D 134 -9.80 15.11 -34.03
CA ALA D 134 -11.13 14.49 -34.15
C ALA D 134 -12.16 15.59 -34.48
N MET D 135 -12.11 16.68 -33.73
CA MET D 135 -13.24 17.65 -33.74
C MET D 135 -13.13 18.50 -35.01
N ASP D 136 -11.93 18.56 -35.64
CA ASP D 136 -11.79 19.30 -36.94
C ASP D 136 -12.71 18.71 -37.99
N SER D 137 -13.14 17.46 -37.86
CA SER D 137 -13.99 16.78 -38.87
C SER D 137 -15.47 17.12 -38.67
N THR D 138 -15.82 17.91 -37.64
CA THR D 138 -17.21 18.38 -37.37
C THR D 138 -17.37 19.86 -37.78
N ASP D 139 -18.61 20.38 -37.79
CA ASP D 139 -18.83 21.84 -38.01
C ASP D 139 -19.41 22.51 -36.75
N ALA D 140 -19.21 21.92 -35.56
CA ALA D 140 -19.75 22.45 -34.29
C ALA D 140 -18.82 23.50 -33.67
N ASP D 141 -19.42 24.45 -32.96
CA ASP D 141 -18.70 25.31 -31.99
C ASP D 141 -18.28 24.40 -30.83
N VAL D 142 -16.98 24.26 -30.60
CA VAL D 142 -16.41 23.46 -29.49
C VAL D 142 -15.97 24.40 -28.39
N VAL D 143 -16.41 24.13 -27.18
CA VAL D 143 -15.99 24.89 -26.00
C VAL D 143 -15.33 23.93 -25.01
N ILE D 144 -14.03 24.11 -24.79
CA ILE D 144 -13.20 23.27 -23.89
C ILE D 144 -13.29 23.85 -22.49
N TYR D 145 -13.53 23.01 -21.49
CA TYR D 145 -13.66 23.40 -20.07
C TYR D 145 -12.42 22.91 -19.30
N CYS D 146 -11.81 23.78 -18.47
CA CYS D 146 -10.66 23.48 -17.57
C CYS D 146 -10.92 24.17 -16.23
N ARG D 147 -10.10 23.82 -15.22
CA ARG D 147 -10.27 24.20 -13.79
C ARG D 147 -9.06 24.99 -13.28
N ASP D 148 -8.00 25.14 -14.08
CA ASP D 148 -6.70 25.75 -13.66
C ASP D 148 -6.35 26.94 -14.56
N LYS D 149 -5.83 28.06 -14.01
CA LYS D 149 -5.56 29.29 -14.82
C LYS D 149 -4.41 29.06 -15.80
N GLU D 150 -3.35 28.38 -15.37
CA GLU D 150 -2.19 28.11 -16.27
C GLU D 150 -2.68 27.23 -17.43
N TRP D 151 -3.57 26.27 -17.16
CA TRP D 151 -4.10 25.38 -18.24
C TRP D 151 -4.97 26.20 -19.18
N GLU D 152 -5.83 27.08 -18.63
CA GLU D 152 -6.66 28.01 -19.44
C GLU D 152 -5.75 28.76 -20.43
N LYS D 153 -4.64 29.31 -19.95
CA LYS D 153 -3.76 30.15 -20.79
C LYS D 153 -3.17 29.30 -21.92
N LYS D 154 -2.68 28.11 -21.59
CA LYS D 154 -1.98 27.20 -22.53
C LYS D 154 -2.97 26.72 -23.59
N ILE D 155 -4.20 26.37 -23.18
CA ILE D 155 -5.24 25.93 -24.16
C ILE D 155 -5.55 27.10 -25.10
N SER D 156 -5.75 28.30 -24.54
CA SER D 156 -6.02 29.55 -25.31
C SER D 156 -4.93 29.80 -26.36
N GLU D 157 -3.66 29.70 -25.95
CA GLU D 157 -2.49 29.86 -26.85
C GLU D 157 -2.53 28.82 -27.97
N ALA D 158 -2.81 27.55 -27.64
CA ALA D 158 -2.86 26.46 -28.63
C ALA D 158 -3.96 26.74 -29.68
N ILE D 159 -5.13 27.24 -29.24
CA ILE D 159 -6.23 27.63 -30.18
C ILE D 159 -5.72 28.75 -31.11
N GLN D 160 -5.12 29.79 -30.54
CA GLN D 160 -4.62 30.98 -31.31
C GLN D 160 -3.61 30.51 -32.36
N MET D 161 -2.65 29.68 -31.95
CA MET D 161 -1.46 29.28 -32.73
C MET D 161 -1.82 28.38 -33.93
N ARG D 162 -3.06 27.91 -34.07
CA ARG D 162 -3.50 27.09 -35.24
C ARG D 162 -4.14 27.97 -36.32
N THR D 163 -4.56 29.18 -35.97
CA THR D 163 -5.22 30.12 -36.90
C THR D 163 -4.12 30.84 -37.70
S DMS E . 6.69 5.70 2.05
O DMS E . 5.18 6.05 1.84
C1 DMS E . 7.12 6.06 3.68
C2 DMS E . 7.61 7.04 1.29
S DMS F . 4.15 20.52 14.46
O DMS F . 3.71 20.81 13.03
C1 DMS F . 2.69 20.69 15.41
C2 DMS F . 4.87 22.01 15.03
C TRS G . -12.22 25.21 19.63
C1 TRS G . -12.20 23.85 20.31
C2 TRS G . -12.44 25.11 18.12
C3 TRS G . -13.31 26.09 20.25
N TRS G . -10.87 25.84 19.84
O1 TRS G . -11.95 23.95 21.72
O2 TRS G . -13.70 24.56 17.77
O3 TRS G . -13.09 27.46 20.00
S DMS H . -13.24 9.20 7.84
O DMS H . -12.84 8.41 9.05
C1 DMS H . -11.76 9.71 7.03
C2 DMS H . -13.74 10.80 8.42
S DMS I . 5.40 0.42 28.97
O DMS I . 4.88 -0.37 27.83
C1 DMS I . 6.99 -0.29 29.35
C2 DMS I . 4.50 -0.04 30.43
CL CL J . 4.34 19.60 19.70
CL CL K . 12.89 4.37 14.98
C1 HLR L . 8.13 11.12 17.78
C1 HLR L . 8.74 11.45 16.87
C2 HLR L . 7.65 10.06 17.03
C2 HLR L . 9.46 12.62 17.13
C3 HLR L . 7.96 9.99 15.67
C3 HLR L . 9.39 13.18 18.39
C4 HLR L . 8.77 10.94 15.08
C4 HLR L . 8.62 12.60 19.39
C5 HLR L . 9.26 12.00 15.81
C5 HLR L . 7.90 11.44 19.14
C6 HLR L . 8.91 12.08 17.15
C6 HLR L . 7.97 10.90 17.88
C HLR L . 7.82 11.73 19.08
C HLR L . 8.42 10.62 15.70
N1 HLR L . 8.40 12.89 19.20
N1 HLR L . 7.63 9.64 16.04
N2 HLR L . 7.06 11.16 20.02
N2 HLR L . 8.91 10.82 14.47
O7 HLR L . 9.12 13.14 17.97
O7 HLR L . 7.32 9.80 17.43
C1 HLR M . 13.95 7.64 17.01
C2 HLR M . 13.02 7.56 18.04
C3 HLR M . 11.79 8.17 17.89
C4 HLR M . 11.47 8.85 16.71
C5 HLR M . 12.39 8.94 15.68
C6 HLR M . 13.62 8.33 15.85
C HLR M . 15.37 7.32 16.81
N1 HLR M . 15.78 7.73 15.64
N2 HLR M . 16.14 6.67 17.70
O7 HLR M . 14.67 8.39 15.01
C1 HLR N . 9.67 15.30 24.38
C2 HLR N . 8.43 14.88 23.93
C3 HLR N . 8.22 13.54 23.63
C4 HLR N . 9.25 12.61 23.78
C5 HLR N . 10.49 13.01 24.24
C6 HLR N . 10.68 14.35 24.52
C HLR N . 10.34 16.56 24.69
N1 HLR N . 11.59 16.36 25.04
N2 HLR N . 9.76 17.76 24.67
O7 HLR N . 11.84 14.95 24.92
S DMS O . -3.15 3.61 -1.19
O DMS O . -2.88 2.69 0.02
C1 DMS O . -1.58 3.84 -2.00
C2 DMS O . -3.36 5.26 -0.60
S DMS P . 24.82 -9.13 4.17
O DMS P . 23.73 -10.17 4.08
C1 DMS P . 24.84 -8.59 5.85
C2 DMS P . 24.14 -7.66 3.46
S DMS Q . 26.42 -4.29 9.01
O DMS Q . 25.81 -3.84 10.31
C1 DMS Q . 27.10 -5.89 9.35
C2 DMS Q . 27.94 -3.42 9.03
S DMS R . 27.65 -10.03 -2.41
O DMS R . 27.42 -10.48 -0.98
C1 DMS R . 26.85 -11.21 -3.47
C2 DMS R . 29.32 -10.43 -2.83
CL CL S . 23.83 -12.07 -1.63
CL CL T . 28.29 -8.26 6.55
C1 HLR U . 19.57 -8.40 2.15
C2 HLR U . 20.63 -7.60 1.73
C3 HLR U . 21.81 -8.22 1.34
C4 HLR U . 21.94 -9.60 1.37
C5 HLR U . 20.88 -10.41 1.79
C6 HLR U . 19.71 -9.77 2.16
C HLR U . 18.20 -8.20 2.65
N1 HLR U . 17.63 -9.34 2.93
N2 HLR U . 17.62 -7.00 2.81
O7 HLR U . 18.58 -10.38 2.61
S DMS V . -7.30 -16.13 -0.70
O DMS V . -6.43 -15.41 -1.69
C1 DMS V . -8.79 -16.55 -1.55
C2 DMS V . -6.63 -17.76 -0.50
CL CL W . -4.24 -15.26 1.15
S DMS X . -5.18 -30.90 -14.59
O DMS X . -4.22 -29.77 -14.95
C1 DMS X . -6.65 -30.19 -13.95
C2 DMS X . -4.56 -31.65 -13.09
S DMS Y . -0.60 -18.05 -0.17
O DMS Y . -0.66 -16.84 -1.08
C1 DMS Y . 0.29 -19.29 -1.07
C2 DMS Y . -2.21 -18.79 -0.22
S DMS Z . -12.26 -16.52 4.67
O DMS Z . -13.59 -16.45 5.37
C1 DMS Z . -12.31 -18.02 3.73
C2 DMS Z . -11.09 -17.04 5.90
S DMS AA . -10.14 15.52 -16.14
O DMS AA . -11.02 15.46 -14.90
C1 DMS AA . -10.46 17.11 -16.89
C2 DMS AA . -10.94 14.52 -17.36
C TRS BA . -11.43 -0.92 -28.26
C1 TRS BA . -11.00 -2.38 -28.41
C2 TRS BA . -10.60 -0.04 -29.21
C3 TRS BA . -12.93 -0.75 -28.53
N TRS BA . -11.13 -0.51 -26.84
O1 TRS BA . -9.66 -2.58 -27.98
O2 TRS BA . -10.88 1.35 -29.06
O3 TRS BA . -13.76 -1.69 -27.85
S DMS CA . -29.16 19.68 -10.02
O DMS CA . -27.88 20.34 -10.51
C1 DMS CA . -28.69 18.71 -8.59
C2 DMS CA . -29.60 18.35 -11.15
S DMS DA . -12.63 9.35 -13.71
O DMS DA . -14.06 9.10 -13.34
C1 DMS DA . -12.18 10.96 -13.14
C2 DMS DA . -12.46 9.60 -15.46
S DMS EA . -29.19 8.37 -28.36
O DMS EA . -28.62 9.72 -28.76
C1 DMS EA . -29.29 8.42 -26.59
C2 DMS EA . -27.87 7.19 -28.53
CL CL FA . -7.54 21.92 -15.66
CL CL GA . -9.10 12.01 -16.26
C1 HLR HA . -13.94 20.07 -13.74
C2 HLR HA . -13.20 19.43 -12.74
C3 HLR HA . -11.85 19.20 -12.95
C4 HLR HA . -11.24 19.58 -14.15
C5 HLR HA . -11.97 20.21 -15.15
C6 HLR HA . -13.31 20.46 -14.90
C HLR HA . -15.30 20.61 -13.89
N1 HLR HA . -15.43 21.23 -15.03
N2 HLR HA . -16.28 20.47 -12.99
O7 HLR HA . -14.15 21.16 -15.70
C1 HLR IA . -14.42 25.19 -10.87
C2 HLR IA . -14.60 24.09 -11.72
C3 HLR IA . -14.10 24.16 -13.01
C4 HLR IA . -13.42 25.29 -13.46
C5 HLR IA . -13.23 26.38 -12.62
C6 HLR IA . -13.73 26.29 -11.34
C HLR IA . -14.70 25.52 -9.47
N1 HLR IA . -14.22 26.70 -9.17
N2 HLR IA . -15.36 24.73 -8.63
O7 HLR IA . -13.59 27.22 -10.35
#